data_5M65
#
_entry.id   5M65
#
_cell.length_a   100.665
_cell.length_b   103.051
_cell.length_c   90.654
_cell.angle_alpha   90.00
_cell.angle_beta   90.00
_cell.angle_gamma   90.00
#
_symmetry.space_group_name_H-M   'P 21 21 2'
#
loop_
_entity.id
_entity.type
_entity.pdbx_description
1 polymer Adenosylhomocysteinase
2 non-polymer NICOTINAMIDE-ADENINE-DINUCLEOTIDE
3 non-polymer ADENINE
4 non-polymer 'SODIUM ION'
5 non-polymer 'BROMIDE ION'
6 non-polymer 1,2-ETHANEDIOL
7 water water
#
_entity_poly.entity_id   1
_entity_poly.type   'polypeptide(L)'
_entity_poly.pdbx_seq_one_letter_code
;GIDPFTMNAKPGFTDYIVKDIALADFGRKEISLAETEMPGLMATREEYGPKQPLKGARIAGSLHMTIQTAVLIETLAALG
ADIRWVSCNIYSTQDHAAAAIAAAGIPVFAVKGETLTEYWDYTAKLFDWHGGGTPNMILDDGGDATMLVHAGYRAEQGDT
AFLDKPGSEEEEIFYALVKRLLKEKPKGWFAEIAKNIKGVSEETTTGVHRLYEMANKGTLLFPAINVNDSVTKSKFDNLY
GCRESLVDGIRRGTDVMLSGKVAMVAGFGDVGKGSAASLRQAGCRVMVSEVDPICALQAAMEGYEVVTMEDAAPRADIFV
TATGNKDIITIEHMRAMKDRAIVCNIGHFDNEIQIASLRNLKWTNIKPQVDEIEFPDKHRIIMLSEGRLVNLGNAMGHPS
FVMSASFTNQTLAQIELFANNKDSKYAKKVYVLPKTLDEKVARLHLAKIGVKLTELRKDQADYIGVKQEGPYKSDHYRY
;
_entity_poly.pdbx_strand_id   A,B
#
# COMPACT_ATOMS: atom_id res chain seq x y z
N PRO A 11 -17.74 29.64 -38.22
CA PRO A 11 -16.70 29.07 -39.08
C PRO A 11 -16.66 27.54 -39.04
N GLY A 12 -16.30 26.92 -40.18
CA GLY A 12 -16.11 25.48 -40.20
C GLY A 12 -14.79 25.06 -39.56
N PHE A 13 -14.75 23.81 -39.11
CA PHE A 13 -13.59 23.26 -38.41
C PHE A 13 -13.15 22.00 -39.15
N THR A 14 -11.89 21.96 -39.58
CA THR A 14 -11.36 20.86 -40.36
C THR A 14 -10.11 20.22 -39.76
N ASP A 15 -9.66 20.67 -38.59
CA ASP A 15 -8.35 20.33 -38.04
C ASP A 15 -8.41 19.07 -37.17
N TYR A 16 -8.78 17.93 -37.78
CA TYR A 16 -8.96 16.70 -37.01
C TYR A 16 -8.89 15.49 -37.93
N ILE A 17 -8.71 14.31 -37.32
CA ILE A 17 -8.77 13.02 -38.00
C ILE A 17 -9.49 12.03 -37.08
N VAL A 18 -10.68 11.59 -37.48
CA VAL A 18 -11.45 10.63 -36.70
C VAL A 18 -12.08 9.61 -37.64
N LYS A 19 -12.53 8.50 -37.06
CA LYS A 19 -13.14 7.44 -37.86
C LYS A 19 -14.38 7.96 -38.60
N ASP A 20 -15.31 8.59 -37.89
CA ASP A 20 -16.57 9.03 -38.51
C ASP A 20 -17.16 10.13 -37.63
N ILE A 21 -17.19 11.36 -38.15
CA ILE A 21 -17.66 12.49 -37.35
C ILE A 21 -19.16 12.39 -37.06
N ALA A 22 -19.90 11.54 -37.78
CA ALA A 22 -21.32 11.39 -37.48
C ALA A 22 -21.57 10.72 -36.12
N LEU A 23 -20.54 10.17 -35.50
CA LEU A 23 -20.67 9.57 -34.17
C LEU A 23 -20.68 10.59 -33.05
N ALA A 24 -20.60 11.90 -33.36
CA ALA A 24 -20.41 12.89 -32.32
C ALA A 24 -21.61 12.97 -31.36
N ASP A 25 -22.84 12.92 -31.89
CA ASP A 25 -24.01 12.96 -31.02
C ASP A 25 -23.99 11.79 -30.03
N PHE A 26 -23.66 10.59 -30.51
CA PHE A 26 -23.50 9.45 -29.63
C PHE A 26 -22.40 9.71 -28.61
N GLY A 27 -21.24 10.15 -29.08
CA GLY A 27 -20.16 10.48 -28.14
C GLY A 27 -20.59 11.49 -27.10
N ARG A 28 -21.31 12.53 -27.53
CA ARG A 28 -21.74 13.57 -26.60
C ARG A 28 -22.68 13.00 -25.53
N LYS A 29 -23.59 12.09 -25.91
CA LYS A 29 -24.48 11.51 -24.91
C LYS A 29 -23.70 10.76 -23.84
N GLU A 30 -22.70 9.98 -24.25
CA GLU A 30 -21.91 9.20 -23.29
CA GLU A 30 -21.98 9.22 -23.24
C GLU A 30 -21.00 10.09 -22.46
N ILE A 31 -20.49 11.17 -23.06
CA ILE A 31 -19.72 12.15 -22.31
C ILE A 31 -20.57 12.75 -21.19
N SER A 32 -21.80 13.14 -21.53
CA SER A 32 -22.72 13.69 -20.54
C SER A 32 -22.94 12.73 -19.38
N LEU A 33 -23.14 11.45 -19.68
CA LEU A 33 -23.30 10.45 -18.64
C LEU A 33 -22.03 10.30 -17.81
N ALA A 34 -20.86 10.30 -18.48
CA ALA A 34 -19.59 10.21 -17.77
C ALA A 34 -19.40 11.38 -16.80
N GLU A 35 -19.89 12.58 -17.18
CA GLU A 35 -19.73 13.74 -16.31
C GLU A 35 -20.30 13.50 -14.92
N THR A 36 -21.49 12.88 -14.85
CA THR A 36 -22.11 12.54 -13.58
C THR A 36 -21.25 11.58 -12.76
N GLU A 37 -20.53 10.67 -13.43
CA GLU A 37 -19.67 9.70 -12.76
C GLU A 37 -18.29 10.25 -12.43
N MET A 38 -17.96 11.48 -12.82
CA MET A 38 -16.65 12.04 -12.54
C MET A 38 -16.76 13.36 -11.78
N PRO A 39 -17.18 13.29 -10.52
CA PRO A 39 -17.33 14.52 -9.72
C PRO A 39 -16.03 15.27 -9.54
N GLY A 40 -14.89 14.57 -9.51
CA GLY A 40 -13.62 15.26 -9.31
C GLY A 40 -13.31 16.24 -10.43
N LEU A 41 -13.58 15.85 -11.68
CA LEU A 41 -13.34 16.75 -12.80
C LEU A 41 -14.37 17.88 -12.85
N MET A 42 -15.64 17.56 -12.56
CA MET A 42 -16.65 18.62 -12.59
C MET A 42 -16.44 19.62 -11.46
N ALA A 43 -16.09 19.13 -10.26
CA ALA A 43 -15.81 20.07 -9.17
C ALA A 43 -14.58 20.91 -9.48
N THR A 44 -13.58 20.30 -10.13
CA THR A 44 -12.42 21.07 -10.56
C THR A 44 -12.83 22.18 -11.54
N ARG A 45 -13.75 21.87 -12.45
CA ARG A 45 -14.29 22.89 -13.36
C ARG A 45 -14.95 24.03 -12.58
N GLU A 46 -15.82 23.69 -11.63
CA GLU A 46 -16.49 24.69 -10.80
C GLU A 46 -15.45 25.56 -10.09
N GLU A 47 -14.44 24.93 -9.50
CA GLU A 47 -13.48 25.67 -8.69
C GLU A 47 -12.53 26.51 -9.55
N TYR A 48 -12.00 25.95 -10.64
CA TYR A 48 -10.93 26.61 -11.37
C TYR A 48 -11.36 27.30 -12.66
N GLY A 49 -12.54 27.00 -13.19
CA GLY A 49 -13.05 27.66 -14.37
C GLY A 49 -13.02 29.17 -14.28
N PRO A 50 -13.72 29.75 -13.30
CA PRO A 50 -13.69 31.21 -13.14
C PRO A 50 -12.29 31.79 -13.03
N LYS A 51 -11.38 31.08 -12.39
CA LYS A 51 -10.03 31.59 -12.17
C LYS A 51 -9.12 31.41 -13.38
N GLN A 52 -9.51 30.59 -14.36
CA GLN A 52 -8.81 30.47 -15.63
C GLN A 52 -7.31 30.19 -15.49
N PRO A 53 -6.90 29.15 -14.76
CA PRO A 53 -5.47 28.96 -14.47
C PRO A 53 -4.66 28.55 -15.68
N LEU A 54 -5.26 27.89 -16.66
CA LEU A 54 -4.56 27.47 -17.86
C LEU A 54 -4.84 28.35 -19.06
N LYS A 55 -5.36 29.57 -18.84
CA LYS A 55 -5.43 30.54 -19.93
C LYS A 55 -4.03 30.84 -20.41
N GLY A 56 -3.77 30.52 -21.68
CA GLY A 56 -2.45 30.63 -22.27
C GLY A 56 -1.78 29.30 -22.50
N ALA A 57 -2.26 28.24 -21.85
CA ALA A 57 -1.68 26.91 -22.02
C ALA A 57 -2.03 26.35 -23.41
N ARG A 58 -1.06 25.65 -23.99
CA ARG A 58 -1.21 24.95 -25.27
C ARG A 58 -0.77 23.52 -24.98
N ILE A 59 -1.74 22.66 -24.63
CA ILE A 59 -1.50 21.34 -24.09
C ILE A 59 -1.56 20.30 -25.22
N ALA A 60 -0.46 19.58 -25.42
CA ALA A 60 -0.39 18.44 -26.33
C ALA A 60 -0.63 17.15 -25.55
N GLY A 61 -1.79 16.52 -25.77
CA GLY A 61 -2.19 15.35 -25.02
C GLY A 61 -2.00 14.08 -25.81
N SER A 62 -1.35 13.09 -25.20
CA SER A 62 -1.23 11.75 -25.76
C SER A 62 -1.76 10.77 -24.73
N LEU A 63 -2.98 10.29 -24.92
CA LEU A 63 -3.69 9.56 -23.89
C LEU A 63 -4.95 8.96 -24.49
N HIS A 64 -5.16 7.65 -24.30
CA HIS A 64 -6.31 6.89 -24.80
C HIS A 64 -7.52 7.78 -25.01
N MET A 65 -7.94 7.96 -26.26
CA MET A 65 -9.04 8.85 -26.62
C MET A 65 -10.38 8.17 -26.36
N THR A 66 -10.69 8.03 -25.07
CA THR A 66 -11.92 7.44 -24.59
C THR A 66 -12.90 8.53 -24.17
N ILE A 67 -14.12 8.10 -23.83
CA ILE A 67 -15.10 9.02 -23.28
C ILE A 67 -14.57 9.69 -22.00
N GLN A 68 -13.92 8.91 -21.15
CA GLN A 68 -13.34 9.45 -19.91
C GLN A 68 -12.34 10.54 -20.23
N THR A 69 -11.49 10.29 -21.22
CA THR A 69 -10.48 11.29 -21.59
C THR A 69 -11.14 12.54 -22.13
N ALA A 70 -12.25 12.39 -22.88
CA ALA A 70 -12.98 13.55 -23.38
C ALA A 70 -13.44 14.47 -22.25
N VAL A 71 -13.84 13.89 -21.12
CA VAL A 71 -14.25 14.72 -19.98
C VAL A 71 -13.05 15.50 -19.46
N LEU A 72 -11.87 14.86 -19.43
CA LEU A 72 -10.64 15.54 -19.06
C LEU A 72 -10.33 16.69 -20.02
N ILE A 73 -10.40 16.42 -21.32
CA ILE A 73 -10.11 17.43 -22.34
C ILE A 73 -10.95 18.68 -22.12
N GLU A 74 -12.25 18.48 -21.93
CA GLU A 74 -13.17 19.61 -21.75
C GLU A 74 -13.03 20.27 -20.38
N THR A 75 -12.50 19.55 -19.39
CA THR A 75 -12.09 20.21 -18.14
C THR A 75 -10.92 21.15 -18.40
N LEU A 76 -9.88 20.66 -19.09
CA LEU A 76 -8.74 21.51 -19.42
C LEU A 76 -9.20 22.73 -20.21
N ALA A 77 -10.08 22.52 -21.20
CA ALA A 77 -10.61 23.63 -21.98
C ALA A 77 -11.38 24.61 -21.09
N ALA A 78 -12.26 24.09 -20.23
CA ALA A 78 -12.99 24.94 -19.29
C ALA A 78 -12.06 25.74 -18.39
N LEU A 79 -10.83 25.29 -18.19
CA LEU A 79 -9.86 26.02 -17.39
C LEU A 79 -9.08 27.03 -18.21
N GLY A 80 -9.32 27.10 -19.52
CA GLY A 80 -8.68 28.08 -20.37
C GLY A 80 -7.68 27.50 -21.34
N ALA A 81 -7.47 26.20 -21.34
CA ALA A 81 -6.41 25.62 -22.16
C ALA A 81 -6.83 25.50 -23.62
N ASP A 82 -5.86 25.76 -24.49
CA ASP A 82 -5.92 25.43 -25.90
C ASP A 82 -5.28 24.05 -26.07
N ILE A 83 -5.87 23.21 -26.92
CA ILE A 83 -5.62 21.78 -26.86
C ILE A 83 -5.48 21.18 -28.26
N ARG A 84 -4.56 20.22 -28.38
CA ARG A 84 -4.55 19.21 -29.45
C ARG A 84 -4.29 17.84 -28.82
N TRP A 85 -4.93 16.80 -29.37
CA TRP A 85 -4.98 15.51 -28.69
C TRP A 85 -4.77 14.34 -29.64
N VAL A 86 -4.10 13.28 -29.16
CA VAL A 86 -4.04 11.97 -29.82
C VAL A 86 -4.19 10.87 -28.77
N SER A 87 -4.43 9.65 -29.25
CA SER A 87 -4.48 8.47 -28.41
C SER A 87 -3.07 7.90 -28.24
N CYS A 88 -2.86 7.13 -27.16
CA CYS A 88 -1.53 6.57 -26.90
C CYS A 88 -1.47 5.06 -27.17
N ASN A 89 -2.44 4.52 -27.90
CA ASN A 89 -2.45 3.11 -28.28
C ASN A 89 -3.33 2.98 -29.52
N ILE A 90 -2.96 2.05 -30.40
CA ILE A 90 -3.66 1.96 -31.68
C ILE A 90 -5.08 1.45 -31.56
N TYR A 91 -5.45 0.82 -30.43
CA TYR A 91 -6.79 0.25 -30.27
C TYR A 91 -7.62 0.90 -29.18
N SER A 92 -7.06 1.83 -28.42
CA SER A 92 -7.76 2.29 -27.23
C SER A 92 -8.78 3.39 -27.52
N THR A 93 -8.69 4.04 -28.69
CA THR A 93 -9.63 5.10 -29.02
C THR A 93 -11.05 4.53 -28.99
N GLN A 94 -11.97 5.33 -28.46
CA GLN A 94 -13.40 5.12 -28.68
C GLN A 94 -13.88 6.15 -29.72
N ASP A 95 -14.35 5.65 -30.87
CA ASP A 95 -14.53 6.53 -32.02
C ASP A 95 -15.59 7.60 -31.77
N HIS A 96 -16.63 7.28 -31.02
CA HIS A 96 -17.63 8.31 -30.70
C HIS A 96 -17.04 9.41 -29.81
N ALA A 97 -16.13 9.05 -28.90
CA ALA A 97 -15.50 10.07 -28.07
C ALA A 97 -14.61 11.00 -28.91
N ALA A 98 -13.81 10.42 -29.81
CA ALA A 98 -13.00 11.24 -30.70
C ALA A 98 -13.86 12.17 -31.54
N ALA A 99 -14.98 11.66 -32.07
CA ALA A 99 -15.86 12.48 -32.89
C ALA A 99 -16.45 13.64 -32.10
N ALA A 100 -16.85 13.40 -30.85
CA ALA A 100 -17.40 14.47 -30.04
C ALA A 100 -16.36 15.57 -29.80
N ILE A 101 -15.11 15.20 -29.55
CA ILE A 101 -14.05 16.19 -29.33
C ILE A 101 -13.79 16.99 -30.62
N ALA A 102 -13.78 16.32 -31.76
CA ALA A 102 -13.61 17.04 -33.03
C ALA A 102 -14.78 17.99 -33.28
N ALA A 103 -16.00 17.55 -32.97
CA ALA A 103 -17.18 18.38 -33.22
C ALA A 103 -17.25 19.56 -32.27
N ALA A 104 -16.53 19.52 -31.15
CA ALA A 104 -16.39 20.65 -30.24
C ALA A 104 -15.33 21.63 -30.70
N GLY A 105 -14.66 21.37 -31.82
CA GLY A 105 -13.65 22.28 -32.32
C GLY A 105 -12.26 22.08 -31.77
N ILE A 106 -11.98 20.92 -31.23
CA ILE A 106 -10.69 20.59 -30.62
C ILE A 106 -9.94 19.65 -31.55
N PRO A 107 -8.75 20.02 -32.02
CA PRO A 107 -7.99 19.12 -32.91
C PRO A 107 -7.66 17.79 -32.23
N VAL A 108 -7.99 16.70 -32.92
CA VAL A 108 -7.78 15.38 -32.39
C VAL A 108 -7.52 14.44 -33.55
N PHE A 109 -6.55 13.54 -33.37
CA PHE A 109 -6.16 12.59 -34.40
C PHE A 109 -6.07 11.21 -33.75
N ALA A 110 -7.16 10.43 -33.86
CA ALA A 110 -7.29 9.17 -33.13
C ALA A 110 -8.37 8.32 -33.78
N VAL A 111 -8.02 7.08 -34.14
CA VAL A 111 -8.92 6.14 -34.77
C VAL A 111 -8.69 4.79 -34.10
N LYS A 112 -9.79 4.09 -33.79
CA LYS A 112 -9.65 2.77 -33.17
C LYS A 112 -9.24 1.78 -34.26
N GLY A 113 -8.09 1.16 -34.09
CA GLY A 113 -7.53 0.33 -35.13
C GLY A 113 -6.63 1.05 -36.12
N GLU A 114 -6.08 2.21 -35.74
CA GLU A 114 -5.15 2.88 -36.64
C GLU A 114 -3.87 2.05 -36.80
N THR A 115 -3.11 2.34 -37.85
CA THR A 115 -1.84 1.65 -38.06
C THR A 115 -0.77 2.24 -37.16
N LEU A 116 0.33 1.50 -37.01
CA LEU A 116 1.48 2.03 -36.30
C LEU A 116 2.03 3.28 -36.98
N THR A 117 2.12 3.25 -38.30
CA THR A 117 2.62 4.43 -39.01
C THR A 117 1.70 5.62 -38.79
N GLU A 118 0.38 5.40 -38.90
CA GLU A 118 -0.59 6.43 -38.56
C GLU A 118 -0.42 6.92 -37.12
N TYR A 119 -0.24 5.97 -36.19
CA TYR A 119 -0.12 6.34 -34.78
C TYR A 119 0.99 7.38 -34.56
N TRP A 120 2.14 7.18 -35.18
CA TRP A 120 3.25 8.12 -34.97
C TRP A 120 3.07 9.41 -35.76
N ASP A 121 2.51 9.33 -36.97
CA ASP A 121 2.23 10.55 -37.74
C ASP A 121 1.26 11.45 -37.00
N TYR A 122 0.24 10.88 -36.36
CA TYR A 122 -0.68 11.70 -35.59
C TYR A 122 0.02 12.29 -34.37
N THR A 123 0.90 11.53 -33.73
CA THR A 123 1.65 12.06 -32.60
C THR A 123 2.41 13.33 -33.01
N ALA A 124 3.09 13.29 -34.15
CA ALA A 124 3.81 14.46 -34.64
C ALA A 124 2.89 15.66 -34.87
N LYS A 125 1.61 15.43 -35.18
CA LYS A 125 0.67 16.52 -35.44
CA LYS A 125 0.72 16.55 -35.45
C LYS A 125 0.32 17.32 -34.20
N LEU A 126 0.59 16.79 -32.99
CA LEU A 126 0.31 17.57 -31.79
C LEU A 126 1.15 18.85 -31.75
N PHE A 127 2.31 18.84 -32.36
CA PHE A 127 3.30 19.91 -32.20
C PHE A 127 3.23 20.98 -33.29
N ASP A 128 2.32 20.87 -34.23
CA ASP A 128 2.07 21.91 -35.22
C ASP A 128 0.81 22.66 -34.78
N TRP A 129 1.01 23.76 -34.05
CA TRP A 129 -0.09 24.38 -33.35
C TRP A 129 -0.90 25.29 -34.27
N HIS A 130 -2.22 25.18 -34.17
CA HIS A 130 -3.12 26.02 -34.96
C HIS A 130 -2.89 27.49 -34.64
N GLY A 131 -2.67 28.29 -35.69
CA GLY A 131 -2.29 29.68 -35.56
C GLY A 131 -0.80 29.92 -35.63
N GLY A 132 0.01 28.87 -35.75
CA GLY A 132 1.45 28.95 -35.68
C GLY A 132 1.98 28.53 -34.32
N GLY A 133 3.26 28.17 -34.30
CA GLY A 133 3.92 27.86 -33.05
C GLY A 133 3.83 26.40 -32.65
N THR A 134 4.15 26.15 -31.38
CA THR A 134 4.33 24.84 -30.79
C THR A 134 3.45 24.70 -29.55
N PRO A 135 3.37 23.52 -28.96
CA PRO A 135 2.73 23.42 -27.64
C PRO A 135 3.61 24.08 -26.59
N ASN A 136 3.00 24.35 -25.42
CA ASN A 136 3.78 24.77 -24.26
C ASN A 136 3.54 23.86 -23.05
N MET A 137 2.78 22.76 -23.22
CA MET A 137 2.56 21.76 -22.19
C MET A 137 2.37 20.40 -22.84
N ILE A 138 2.74 19.34 -22.12
CA ILE A 138 2.49 17.98 -22.57
C ILE A 138 1.81 17.20 -21.47
N LEU A 139 0.78 16.43 -21.85
CA LEU A 139 0.12 15.48 -20.95
C LEU A 139 0.20 14.11 -21.60
N ASP A 140 0.89 13.18 -20.94
CA ASP A 140 1.36 11.95 -21.57
C ASP A 140 0.88 10.71 -20.81
N ASP A 141 0.71 9.61 -21.54
CA ASP A 141 0.39 8.32 -20.94
C ASP A 141 1.25 7.25 -21.61
N GLY A 142 2.36 6.89 -20.97
CA GLY A 142 3.32 5.98 -21.53
C GLY A 142 4.58 6.65 -22.02
N GLY A 143 4.54 7.95 -22.27
CA GLY A 143 5.73 8.70 -22.62
C GLY A 143 6.09 8.73 -24.09
N ASP A 144 5.21 8.31 -24.99
CA ASP A 144 5.55 8.36 -26.41
C ASP A 144 5.76 9.78 -26.90
N ALA A 145 4.89 10.72 -26.52
CA ALA A 145 5.02 12.09 -27.01
C ALA A 145 6.26 12.75 -26.45
N THR A 146 6.47 12.61 -25.13
CA THR A 146 7.72 13.04 -24.51
C THR A 146 8.93 12.43 -25.22
N MET A 147 8.86 11.15 -25.56
CA MET A 147 10.02 10.49 -26.15
C MET A 147 10.29 10.99 -27.56
N LEU A 148 9.25 11.34 -28.31
CA LEU A 148 9.48 11.90 -29.65
C LEU A 148 10.22 13.22 -29.55
N VAL A 149 9.89 14.03 -28.54
CA VAL A 149 10.59 15.29 -28.34
C VAL A 149 12.07 15.03 -28.04
N HIS A 150 12.35 14.07 -27.16
CA HIS A 150 13.73 13.91 -26.72
C HIS A 150 14.59 13.26 -27.78
N ALA A 151 14.02 12.33 -28.57
CA ALA A 151 14.77 11.78 -29.69
C ALA A 151 15.04 12.84 -30.74
N GLY A 152 14.02 13.64 -31.09
CA GLY A 152 14.21 14.70 -32.07
C GLY A 152 15.25 15.71 -31.60
N TYR A 153 15.07 16.25 -30.39
CA TYR A 153 16.07 17.14 -29.81
C TYR A 153 17.45 16.50 -29.84
N ARG A 154 17.55 15.25 -29.36
CA ARG A 154 18.84 14.58 -29.30
C ARG A 154 19.50 14.51 -30.67
N ALA A 155 18.72 14.23 -31.71
CA ALA A 155 19.29 14.15 -33.05
C ALA A 155 19.46 15.52 -33.68
N GLU A 156 18.57 16.47 -33.38
CA GLU A 156 18.77 17.85 -33.84
C GLU A 156 20.08 18.42 -33.31
N GLN A 157 20.55 17.91 -32.17
CA GLN A 157 21.80 18.37 -31.59
C GLN A 157 23.00 17.76 -32.31
N GLY A 158 22.90 16.49 -32.71
CA GLY A 158 23.99 15.87 -33.44
C GLY A 158 24.08 14.36 -33.31
N ASP A 159 23.50 13.80 -32.25
CA ASP A 159 23.55 12.35 -32.03
C ASP A 159 22.55 11.70 -32.99
N THR A 160 23.05 11.26 -34.14
CA THR A 160 22.26 10.68 -35.22
C THR A 160 22.33 9.16 -35.24
N ALA A 161 23.05 8.55 -34.30
CA ALA A 161 23.43 7.15 -34.42
C ALA A 161 22.24 6.22 -34.20
N PHE A 162 21.62 6.30 -33.02
CA PHE A 162 20.57 5.36 -32.61
C PHE A 162 19.48 5.22 -33.67
N LEU A 163 19.28 6.24 -34.51
CA LEU A 163 18.18 6.26 -35.46
C LEU A 163 18.27 5.14 -36.49
N ASP A 164 19.45 4.54 -36.66
CA ASP A 164 19.65 3.48 -37.66
C ASP A 164 19.89 2.12 -37.01
N LYS A 165 19.15 1.83 -35.94
CA LYS A 165 19.18 0.53 -35.30
C LYS A 165 17.76 0.13 -34.93
N PRO A 166 17.17 -0.86 -35.60
CA PRO A 166 15.78 -1.30 -35.28
C PRO A 166 15.57 -1.81 -33.85
N GLY A 167 14.98 -3.00 -33.74
CA GLY A 167 14.66 -3.58 -32.44
C GLY A 167 13.33 -4.32 -32.46
N SER A 168 12.29 -3.62 -32.88
CA SER A 168 11.02 -4.24 -33.23
C SER A 168 10.42 -3.41 -34.37
N GLU A 169 9.21 -3.77 -34.79
CA GLU A 169 8.60 -3.05 -35.91
C GLU A 169 8.30 -1.61 -35.53
N GLU A 170 7.74 -1.38 -34.33
CA GLU A 170 7.43 -0.02 -33.91
C GLU A 170 8.66 0.87 -33.91
N GLU A 171 9.78 0.36 -33.40
CA GLU A 171 11.00 1.15 -33.30
C GLU A 171 11.41 1.71 -34.65
N GLU A 172 11.39 0.88 -35.69
CA GLU A 172 11.76 1.32 -37.02
C GLU A 172 10.90 2.48 -37.49
N ILE A 173 9.57 2.33 -37.36
CA ILE A 173 8.64 3.39 -37.75
C ILE A 173 8.94 4.66 -36.98
N PHE A 174 9.18 4.53 -35.68
CA PHE A 174 9.40 5.70 -34.84
C PHE A 174 10.65 6.47 -35.26
N TYR A 175 11.73 5.76 -35.58
CA TYR A 175 12.92 6.43 -36.09
C TYR A 175 12.66 7.10 -37.43
N ALA A 176 11.83 6.48 -38.27
CA ALA A 176 11.59 7.05 -39.61
C ALA A 176 10.90 8.39 -39.49
N LEU A 177 10.00 8.54 -38.51
CA LEU A 177 9.27 9.80 -38.33
C LEU A 177 10.23 10.94 -37.98
N VAL A 178 11.17 10.71 -37.09
CA VAL A 178 11.99 11.83 -36.62
C VAL A 178 12.89 12.34 -37.74
N LYS A 179 13.39 11.44 -38.59
CA LYS A 179 14.14 11.90 -39.77
C LYS A 179 13.26 12.70 -40.70
N ARG A 180 12.03 12.25 -40.93
CA ARG A 180 11.15 13.03 -41.80
C ARG A 180 10.88 14.40 -41.17
N LEU A 181 10.72 14.43 -39.84
CA LEU A 181 10.56 15.70 -39.15
C LEU A 181 11.84 16.54 -39.19
N LEU A 182 13.01 15.88 -39.21
CA LEU A 182 14.25 16.64 -39.32
C LEU A 182 14.43 17.21 -40.71
N LYS A 183 13.96 16.49 -41.74
CA LYS A 183 14.05 16.98 -43.12
C LYS A 183 13.10 18.15 -43.36
N GLU A 184 11.83 17.99 -42.98
CA GLU A 184 10.76 18.89 -43.39
C GLU A 184 10.62 20.12 -42.52
N LYS A 185 10.96 20.02 -41.22
CA LYS A 185 10.72 21.22 -40.44
C LYS A 185 11.96 22.11 -40.40
N PRO A 186 11.75 23.41 -40.23
CA PRO A 186 12.88 24.35 -40.23
C PRO A 186 13.99 23.92 -39.28
N LYS A 187 15.20 24.36 -39.58
CA LYS A 187 16.33 24.21 -38.68
C LYS A 187 15.95 24.62 -37.26
N GLY A 188 16.32 23.80 -36.29
CA GLY A 188 16.07 24.11 -34.89
C GLY A 188 14.68 23.79 -34.37
N TRP A 189 13.85 23.10 -35.16
CA TRP A 189 12.44 22.92 -34.79
C TRP A 189 12.28 22.26 -33.42
N PHE A 190 13.09 21.24 -33.12
CA PHE A 190 12.89 20.51 -31.87
C PHE A 190 13.39 21.28 -30.66
N ALA A 191 14.57 21.91 -30.77
CA ALA A 191 15.03 22.78 -29.70
C ALA A 191 14.00 23.86 -29.39
N GLU A 192 13.24 24.29 -30.40
CA GLU A 192 12.23 25.32 -30.18
C GLU A 192 11.00 24.76 -29.49
N ILE A 193 10.60 23.53 -29.81
CA ILE A 193 9.58 22.84 -29.01
C ILE A 193 10.07 22.69 -27.57
N ALA A 194 11.19 22.00 -27.39
CA ALA A 194 11.75 21.76 -26.06
C ALA A 194 11.86 23.02 -25.22
N LYS A 195 12.13 24.17 -25.86
CA LYS A 195 12.25 25.39 -25.07
C LYS A 195 10.89 25.95 -24.67
N ASN A 196 9.82 25.68 -25.44
CA ASN A 196 8.52 26.19 -25.08
C ASN A 196 7.74 25.24 -24.17
N ILE A 197 8.15 23.97 -24.05
CA ILE A 197 7.47 23.01 -23.18
C ILE A 197 7.82 23.34 -21.74
N LYS A 198 6.82 23.78 -20.97
CA LYS A 198 7.03 24.14 -19.58
C LYS A 198 7.01 22.94 -18.64
N GLY A 199 6.48 21.81 -19.09
CA GLY A 199 6.47 20.62 -18.24
C GLY A 199 5.69 19.52 -18.91
N VAL A 200 5.66 18.37 -18.24
CA VAL A 200 4.90 17.22 -18.69
C VAL A 200 4.37 16.48 -17.47
N SER A 201 3.12 16.02 -17.55
CA SER A 201 2.54 15.15 -16.54
C SER A 201 2.34 13.76 -17.14
N GLU A 202 2.75 12.72 -16.40
CA GLU A 202 2.79 11.36 -16.94
C GLU A 202 1.91 10.42 -16.13
N GLU A 203 1.07 9.67 -16.85
CA GLU A 203 -0.04 8.93 -16.26
C GLU A 203 0.39 7.58 -15.67
N THR A 204 1.35 6.88 -16.28
CA THR A 204 1.42 5.45 -16.06
C THR A 204 2.83 5.00 -15.70
N THR A 205 2.86 3.80 -15.09
CA THR A 205 4.07 3.27 -14.47
C THR A 205 5.22 3.20 -15.48
N THR A 206 4.95 2.69 -16.67
CA THR A 206 5.99 2.58 -17.70
C THR A 206 6.50 3.96 -18.13
N GLY A 207 5.57 4.91 -18.32
CA GLY A 207 5.99 6.27 -18.66
C GLY A 207 6.81 6.92 -17.56
N VAL A 208 6.46 6.66 -16.30
CA VAL A 208 7.23 7.28 -15.21
C VAL A 208 8.61 6.64 -15.11
N HIS A 209 8.72 5.33 -15.38
CA HIS A 209 10.03 4.70 -15.40
C HIS A 209 10.92 5.30 -16.50
N ARG A 210 10.31 5.64 -17.64
CA ARG A 210 11.03 6.34 -18.70
C ARG A 210 11.52 7.70 -18.23
N LEU A 211 10.66 8.42 -17.51
CA LEU A 211 11.01 9.76 -17.02
C LEU A 211 12.20 9.70 -16.05
N TYR A 212 12.11 8.83 -15.03
CA TYR A 212 13.19 8.78 -14.04
C TYR A 212 14.50 8.34 -14.68
N GLU A 213 14.43 7.54 -15.74
CA GLU A 213 15.66 7.12 -16.39
C GLU A 213 16.32 8.28 -17.12
N MET A 214 15.52 9.15 -17.71
CA MET A 214 16.06 10.37 -18.30
C MET A 214 16.61 11.32 -17.23
N ALA A 215 15.89 11.47 -16.10
CA ALA A 215 16.35 12.35 -15.04
C ALA A 215 17.69 11.88 -14.47
N ASN A 216 17.85 10.58 -14.26
CA ASN A 216 19.12 10.07 -13.74
C ASN A 216 20.26 10.25 -14.73
N LYS A 217 19.96 10.17 -16.03
CA LYS A 217 20.97 10.41 -17.06
C LYS A 217 21.24 11.89 -17.30
N GLY A 218 20.46 12.78 -16.70
CA GLY A 218 20.62 14.20 -16.96
C GLY A 218 20.11 14.65 -18.31
N THR A 219 19.27 13.84 -18.96
CA THR A 219 18.77 14.16 -20.29
C THR A 219 17.31 14.63 -20.31
N LEU A 220 16.62 14.63 -19.17
CA LEU A 220 15.26 15.17 -19.13
C LEU A 220 15.28 16.66 -19.46
N LEU A 221 14.43 17.06 -20.41
CA LEU A 221 14.46 18.39 -21.02
C LEU A 221 13.62 19.42 -20.29
N PHE A 222 12.60 18.99 -19.56
CA PHE A 222 11.69 19.92 -18.89
C PHE A 222 11.15 19.26 -17.64
N PRO A 223 10.61 20.03 -16.70
CA PRO A 223 10.06 19.44 -15.47
C PRO A 223 8.94 18.44 -15.73
N ALA A 224 8.80 17.49 -14.81
CA ALA A 224 7.84 16.41 -14.97
C ALA A 224 7.18 16.07 -13.64
N ILE A 225 5.89 15.80 -13.70
CA ILE A 225 5.14 15.36 -12.53
C ILE A 225 4.65 13.94 -12.78
N ASN A 226 5.01 13.05 -11.88
CA ASN A 226 4.63 11.64 -11.84
C ASN A 226 3.24 11.54 -11.22
N VAL A 227 2.21 11.49 -12.07
CA VAL A 227 0.85 11.34 -11.60
C VAL A 227 0.56 9.91 -11.19
N ASN A 228 1.26 8.93 -11.76
CA ASN A 228 0.99 7.54 -11.42
C ASN A 228 1.09 7.30 -9.91
N ASP A 229 2.07 7.92 -9.27
CA ASP A 229 2.38 7.62 -7.86
C ASP A 229 1.64 8.52 -6.87
N SER A 230 0.67 9.31 -7.31
CA SER A 230 -0.33 9.79 -6.37
C SER A 230 -1.04 8.58 -5.79
N VAL A 231 -1.31 8.62 -4.47
CA VAL A 231 -2.08 7.52 -3.88
C VAL A 231 -3.43 7.40 -4.57
N THR A 232 -4.08 8.54 -4.82
CA THR A 232 -5.40 8.49 -5.45
C THR A 232 -5.36 8.08 -6.90
N LYS A 233 -4.19 7.70 -7.42
CA LYS A 233 -4.09 7.10 -8.75
C LYS A 233 -3.68 5.64 -8.62
N SER A 234 -2.43 5.37 -8.20
CA SER A 234 -1.90 4.01 -8.19
C SER A 234 -2.73 3.04 -7.35
N LYS A 235 -3.32 3.51 -6.24
CA LYS A 235 -4.05 2.62 -5.36
C LYS A 235 -5.53 2.57 -5.70
N PHE A 236 -5.94 3.21 -6.79
CA PHE A 236 -7.33 3.21 -7.21
C PHE A 236 -7.44 2.80 -8.67
N ASP A 237 -7.00 3.68 -9.58
CA ASP A 237 -6.96 3.38 -11.02
C ASP A 237 -6.31 2.02 -11.26
N ASN A 238 -5.02 1.89 -10.90
CA ASN A 238 -4.29 0.68 -11.26
C ASN A 238 -4.94 -0.56 -10.66
N LEU A 239 -5.54 -0.43 -9.47
CA LEU A 239 -6.05 -1.55 -8.70
C LEU A 239 -7.51 -1.83 -9.03
N TYR A 240 -8.40 -0.93 -8.63
CA TYR A 240 -9.83 -1.14 -8.86
C TYR A 240 -10.19 -1.00 -10.34
N GLY A 241 -9.48 -0.14 -11.08
CA GLY A 241 -9.79 0.00 -12.49
C GLY A 241 -9.62 -1.30 -13.24
N CYS A 242 -8.46 -1.95 -13.04
CA CYS A 242 -8.20 -3.23 -13.67
C CYS A 242 -9.10 -4.32 -13.12
N ARG A 243 -9.45 -4.25 -11.83
CA ARG A 243 -10.37 -5.22 -11.27
C ARG A 243 -11.70 -5.20 -12.02
N GLU A 244 -12.09 -4.05 -12.54
CA GLU A 244 -13.37 -3.97 -13.23
C GLU A 244 -13.24 -4.16 -14.73
N SER A 245 -12.12 -3.77 -15.34
CA SER A 245 -12.07 -3.74 -16.80
C SER A 245 -11.32 -4.90 -17.43
N LEU A 246 -10.57 -5.68 -16.65
CA LEU A 246 -9.90 -6.84 -17.22
C LEU A 246 -10.91 -7.92 -17.63
N VAL A 247 -11.76 -8.35 -16.68
CA VAL A 247 -12.75 -9.37 -17.03
C VAL A 247 -13.74 -8.82 -18.06
N ASP A 248 -14.06 -7.53 -17.98
CA ASP A 248 -14.90 -6.89 -18.99
C ASP A 248 -14.31 -7.13 -20.38
N GLY A 249 -13.00 -6.89 -20.54
CA GLY A 249 -12.38 -7.13 -21.83
C GLY A 249 -12.42 -8.59 -22.26
N ILE A 250 -12.18 -9.50 -21.31
CA ILE A 250 -12.19 -10.92 -21.63
C ILE A 250 -13.59 -11.40 -22.01
N ARG A 251 -14.62 -10.94 -21.30
CA ARG A 251 -15.99 -11.36 -21.65
C ARG A 251 -16.40 -10.85 -23.02
N ARG A 252 -16.13 -9.58 -23.32
CA ARG A 252 -16.57 -9.06 -24.62
C ARG A 252 -15.82 -9.74 -25.76
N GLY A 253 -14.56 -10.12 -25.53
CA GLY A 253 -13.78 -10.76 -26.58
C GLY A 253 -14.16 -12.21 -26.81
N THR A 254 -14.50 -12.94 -25.75
CA THR A 254 -14.62 -14.39 -25.79
C THR A 254 -15.95 -14.95 -25.31
N ASP A 255 -16.70 -14.21 -24.48
CA ASP A 255 -17.95 -14.69 -23.90
C ASP A 255 -17.80 -16.00 -23.13
N VAL A 256 -16.60 -16.28 -22.64
CA VAL A 256 -16.32 -17.55 -21.99
C VAL A 256 -16.86 -17.54 -20.57
N MET A 257 -17.23 -18.72 -20.08
CA MET A 257 -17.60 -18.90 -18.68
C MET A 257 -16.34 -18.84 -17.83
N LEU A 258 -16.32 -17.94 -16.85
CA LEU A 258 -15.14 -17.80 -16.00
C LEU A 258 -15.19 -18.69 -14.76
N SER A 259 -16.38 -18.90 -14.19
CA SER A 259 -16.52 -19.82 -13.07
C SER A 259 -16.02 -21.20 -13.48
N GLY A 260 -15.21 -21.81 -12.62
CA GLY A 260 -14.66 -23.10 -12.93
C GLY A 260 -13.30 -23.06 -13.62
N LYS A 261 -12.91 -21.92 -14.17
CA LYS A 261 -11.67 -21.88 -14.92
C LYS A 261 -10.48 -21.51 -14.03
N VAL A 262 -9.30 -21.90 -14.51
CA VAL A 262 -8.03 -21.56 -13.87
C VAL A 262 -7.39 -20.44 -14.68
N ALA A 263 -7.01 -19.35 -14.02
CA ALA A 263 -6.42 -18.19 -14.66
C ALA A 263 -5.03 -17.93 -14.09
N MET A 264 -4.12 -17.47 -14.95
CA MET A 264 -2.76 -17.13 -14.56
CA MET A 264 -2.75 -17.14 -14.56
C MET A 264 -2.51 -15.66 -14.81
N VAL A 265 -2.06 -14.95 -13.77
CA VAL A 265 -1.70 -13.53 -13.86
C VAL A 265 -0.21 -13.41 -13.60
N ALA A 266 0.53 -12.84 -14.56
CA ALA A 266 1.95 -12.59 -14.39
C ALA A 266 2.16 -11.20 -13.80
N GLY A 267 2.79 -11.15 -12.62
CA GLY A 267 2.92 -9.93 -11.86
C GLY A 267 1.89 -9.75 -10.75
N PHE A 268 2.33 -9.25 -9.60
CA PHE A 268 1.44 -8.91 -8.49
C PHE A 268 1.79 -7.54 -7.93
N GLY A 269 2.06 -6.58 -8.82
CA GLY A 269 2.05 -5.18 -8.48
C GLY A 269 0.63 -4.68 -8.43
N ASP A 270 0.43 -3.38 -8.64
CA ASP A 270 -0.92 -2.82 -8.54
C ASP A 270 -1.83 -3.38 -9.64
N VAL A 271 -1.34 -3.44 -10.87
CA VAL A 271 -2.14 -3.98 -11.98
C VAL A 271 -2.40 -5.47 -11.78
N GLY A 272 -1.35 -6.22 -11.39
CA GLY A 272 -1.52 -7.64 -11.17
C GLY A 272 -2.45 -7.94 -10.00
N LYS A 273 -2.37 -7.14 -8.94
CA LYS A 273 -3.32 -7.28 -7.84
C LYS A 273 -4.75 -7.09 -8.31
N GLY A 274 -5.01 -6.03 -9.08
CA GLY A 274 -6.35 -5.78 -9.54
C GLY A 274 -6.80 -6.80 -10.57
N SER A 275 -5.87 -7.28 -11.40
CA SER A 275 -6.19 -8.28 -12.43
C SER A 275 -6.54 -9.62 -11.80
N ALA A 276 -5.70 -10.08 -10.87
CA ALA A 276 -6.00 -11.31 -10.15
C ALA A 276 -7.35 -11.21 -9.44
N ALA A 277 -7.63 -10.06 -8.84
CA ALA A 277 -8.93 -9.87 -8.18
C ALA A 277 -10.06 -9.87 -9.20
N SER A 278 -9.86 -9.24 -10.36
CA SER A 278 -10.87 -9.27 -11.40
C SER A 278 -11.29 -10.70 -11.71
N LEU A 279 -10.30 -11.59 -11.88
CA LEU A 279 -10.56 -12.97 -12.27
C LEU A 279 -11.10 -13.80 -11.11
N ARG A 280 -10.52 -13.66 -9.91
CA ARG A 280 -11.07 -14.35 -8.74
C ARG A 280 -12.53 -13.97 -8.51
N GLN A 281 -12.84 -12.67 -8.54
CA GLN A 281 -14.22 -12.23 -8.33
C GLN A 281 -15.16 -12.78 -9.38
N ALA A 282 -14.66 -13.01 -10.60
CA ALA A 282 -15.48 -13.56 -11.67
C ALA A 282 -15.65 -15.07 -11.55
N GLY A 283 -14.99 -15.71 -10.59
CA GLY A 283 -15.16 -17.13 -10.34
C GLY A 283 -13.97 -17.99 -10.69
N CYS A 284 -12.90 -17.42 -11.25
CA CYS A 284 -11.74 -18.23 -11.58
C CYS A 284 -10.94 -18.60 -10.35
N ARG A 285 -10.24 -19.73 -10.45
CA ARG A 285 -9.16 -20.07 -9.54
CA ARG A 285 -9.15 -20.09 -9.55
C ARG A 285 -7.88 -19.47 -10.11
N VAL A 286 -7.24 -18.60 -9.34
CA VAL A 286 -6.18 -17.75 -9.88
C VAL A 286 -4.82 -18.18 -9.35
N MET A 287 -3.87 -18.30 -10.25
CA MET A 287 -2.46 -18.49 -9.94
C MET A 287 -1.72 -17.25 -10.41
N VAL A 288 -0.55 -17.00 -9.82
CA VAL A 288 0.19 -15.76 -10.01
C VAL A 288 1.67 -16.09 -10.13
N SER A 289 2.40 -15.34 -10.97
CA SER A 289 3.85 -15.36 -10.94
C SER A 289 4.39 -14.02 -10.44
N GLU A 290 5.59 -14.05 -9.87
CA GLU A 290 6.23 -12.83 -9.41
C GLU A 290 7.73 -13.06 -9.29
N VAL A 291 8.50 -11.99 -9.50
CA VAL A 291 9.93 -12.02 -9.20
C VAL A 291 10.24 -11.36 -7.87
N ASP A 292 9.32 -10.57 -7.32
CA ASP A 292 9.56 -9.83 -6.09
C ASP A 292 9.05 -10.67 -4.92
N PRO A 293 9.91 -11.08 -4.00
CA PRO A 293 9.47 -12.00 -2.92
C PRO A 293 8.44 -11.38 -1.99
N ILE A 294 8.45 -10.06 -1.80
CA ILE A 294 7.41 -9.42 -1.01
C ILE A 294 6.08 -9.49 -1.74
N CYS A 295 6.07 -9.13 -3.01
CA CYS A 295 4.84 -9.20 -3.79
C CYS A 295 4.34 -10.64 -3.90
N ALA A 296 5.26 -11.59 -4.05
CA ALA A 296 4.85 -12.99 -4.09
C ALA A 296 4.29 -13.46 -2.75
N LEU A 297 4.83 -12.95 -1.65
CA LEU A 297 4.30 -13.31 -0.33
C LEU A 297 2.91 -12.74 -0.15
N GLN A 298 2.67 -11.50 -0.62
CA GLN A 298 1.33 -10.94 -0.59
C GLN A 298 0.35 -11.84 -1.33
N ALA A 299 0.71 -12.28 -2.53
CA ALA A 299 -0.22 -13.07 -3.32
C ALA A 299 -0.55 -14.39 -2.62
N ALA A 300 0.45 -14.99 -1.98
CA ALA A 300 0.23 -16.27 -1.32
C ALA A 300 -0.60 -16.10 -0.07
N MET A 301 -0.42 -14.99 0.65
CA MET A 301 -1.26 -14.69 1.80
C MET A 301 -2.70 -14.41 1.43
N GLU A 302 -2.96 -14.00 0.18
CA GLU A 302 -4.33 -13.89 -0.31
C GLU A 302 -4.85 -15.21 -0.85
N GLY A 303 -4.09 -16.28 -0.71
CA GLY A 303 -4.57 -17.57 -1.14
C GLY A 303 -4.37 -17.87 -2.61
N TYR A 304 -3.67 -17.01 -3.34
CA TYR A 304 -3.29 -17.32 -4.72
C TYR A 304 -2.12 -18.28 -4.72
N GLU A 305 -2.18 -19.28 -5.60
CA GLU A 305 -1.03 -20.15 -5.84
C GLU A 305 0.02 -19.38 -6.62
N VAL A 306 1.26 -19.37 -6.13
CA VAL A 306 2.33 -18.64 -6.81
C VAL A 306 3.21 -19.65 -7.51
N VAL A 307 3.22 -19.58 -8.84
CA VAL A 307 3.87 -20.57 -9.69
C VAL A 307 4.64 -19.83 -10.77
N THR A 308 5.43 -20.59 -11.54
CA THR A 308 6.14 -20.03 -12.68
C THR A 308 5.26 -20.12 -13.92
N MET A 309 5.61 -19.31 -14.92
CA MET A 309 4.87 -19.38 -16.18
C MET A 309 5.02 -20.75 -16.84
N GLU A 310 6.13 -21.44 -16.57
CA GLU A 310 6.30 -22.80 -17.08
C GLU A 310 5.36 -23.78 -16.38
N ASP A 311 5.13 -23.60 -15.07
CA ASP A 311 4.13 -24.41 -14.37
C ASP A 311 2.74 -24.18 -14.95
N ALA A 312 2.43 -22.92 -15.29
CA ALA A 312 1.06 -22.56 -15.62
C ALA A 312 0.71 -22.87 -17.07
N ALA A 313 1.70 -22.85 -17.97
CA ALA A 313 1.44 -22.99 -19.40
C ALA A 313 0.52 -24.16 -19.73
N PRO A 314 0.74 -25.39 -19.25
CA PRO A 314 -0.18 -26.49 -19.58
C PRO A 314 -1.45 -26.54 -18.74
N ARG A 315 -1.59 -25.68 -17.73
CA ARG A 315 -2.68 -25.78 -16.75
C ARG A 315 -3.78 -24.74 -16.94
N ALA A 316 -3.42 -23.47 -17.07
CA ALA A 316 -4.41 -22.41 -17.00
C ALA A 316 -5.24 -22.32 -18.29
N ASP A 317 -6.48 -21.88 -18.12
CA ASP A 317 -7.37 -21.64 -19.24
C ASP A 317 -7.23 -20.24 -19.81
N ILE A 318 -6.73 -19.32 -18.98
CA ILE A 318 -6.63 -17.90 -19.30
C ILE A 318 -5.30 -17.41 -18.75
N PHE A 319 -4.61 -16.57 -19.54
CA PHE A 319 -3.33 -16.00 -19.16
C PHE A 319 -3.39 -14.49 -19.35
N VAL A 320 -2.93 -13.77 -18.33
CA VAL A 320 -2.87 -12.31 -18.34
C VAL A 320 -1.47 -11.87 -17.93
N THR A 321 -0.80 -11.09 -18.77
CA THR A 321 0.49 -10.51 -18.40
C THR A 321 0.26 -9.11 -17.82
N ALA A 322 0.89 -8.83 -16.69
CA ALA A 322 0.66 -7.57 -15.99
C ALA A 322 1.95 -7.06 -15.36
N THR A 323 3.07 -7.19 -16.06
CA THR A 323 4.37 -6.93 -15.44
C THR A 323 4.96 -5.57 -15.79
N GLY A 324 4.64 -5.01 -16.97
CA GLY A 324 5.45 -3.92 -17.47
C GLY A 324 6.84 -4.33 -17.89
N ASN A 325 7.11 -5.64 -17.91
CA ASN A 325 8.38 -6.22 -18.32
C ASN A 325 8.21 -6.80 -19.72
N LYS A 326 9.19 -7.57 -20.19
CA LYS A 326 9.12 -8.12 -21.53
C LYS A 326 9.38 -9.62 -21.49
N ASP A 327 8.88 -10.28 -22.53
CA ASP A 327 9.10 -11.71 -22.76
C ASP A 327 8.62 -12.54 -21.58
N ILE A 328 7.37 -12.27 -21.19
CA ILE A 328 6.74 -12.96 -20.07
C ILE A 328 6.11 -14.28 -20.51
N ILE A 329 5.30 -14.23 -21.55
CA ILE A 329 4.72 -15.44 -22.14
C ILE A 329 5.40 -15.65 -23.49
N THR A 330 6.13 -16.75 -23.60
CA THR A 330 6.99 -17.02 -24.74
C THR A 330 6.28 -17.95 -25.72
N ILE A 331 6.95 -18.17 -26.86
CA ILE A 331 6.43 -19.15 -27.82
C ILE A 331 6.46 -20.54 -27.21
N GLU A 332 7.45 -20.84 -26.36
CA GLU A 332 7.50 -22.14 -25.70
C GLU A 332 6.32 -22.32 -24.74
N HIS A 333 5.95 -21.28 -24.01
CA HIS A 333 4.75 -21.36 -23.19
C HIS A 333 3.52 -21.66 -24.05
N MET A 334 3.33 -20.89 -25.12
CA MET A 334 2.14 -21.06 -25.93
C MET A 334 2.10 -22.39 -26.65
N ARG A 335 3.26 -22.97 -26.99
CA ARG A 335 3.25 -24.33 -27.54
C ARG A 335 2.71 -25.34 -26.53
N ALA A 336 2.85 -25.03 -25.24
CA ALA A 336 2.49 -25.94 -24.18
C ALA A 336 1.05 -25.80 -23.72
N MET A 337 0.35 -24.76 -24.17
CA MET A 337 -0.98 -24.43 -23.66
C MET A 337 -2.03 -25.41 -24.18
N LYS A 338 -3.07 -25.62 -23.38
CA LYS A 338 -4.18 -26.46 -23.81
C LYS A 338 -4.93 -25.80 -24.96
N ASP A 339 -5.70 -26.62 -25.68
CA ASP A 339 -6.38 -26.12 -26.87
C ASP A 339 -7.35 -25.00 -26.50
N ARG A 340 -7.20 -23.85 -27.16
CA ARG A 340 -8.06 -22.68 -27.02
C ARG A 340 -7.97 -22.01 -25.65
N ALA A 341 -6.78 -22.04 -25.05
CA ALA A 341 -6.48 -21.13 -23.96
C ALA A 341 -6.57 -19.68 -24.46
N ILE A 342 -7.02 -18.80 -23.58
CA ILE A 342 -7.12 -17.37 -23.86
C ILE A 342 -5.87 -16.67 -23.33
N VAL A 343 -5.24 -15.85 -24.17
CA VAL A 343 -4.00 -15.19 -23.80
C VAL A 343 -4.18 -13.69 -24.01
N CYS A 344 -3.83 -12.87 -23.01
CA CYS A 344 -3.92 -11.44 -23.24
C CYS A 344 -2.97 -10.71 -22.31
N ASN A 345 -2.91 -9.40 -22.49
CA ASN A 345 -1.95 -8.54 -21.83
C ASN A 345 -2.65 -7.27 -21.37
N ILE A 346 -2.36 -6.85 -20.14
CA ILE A 346 -2.90 -5.64 -19.58
C ILE A 346 -1.82 -4.68 -19.10
N GLY A 347 -0.54 -5.01 -19.32
CA GLY A 347 0.54 -4.05 -19.15
C GLY A 347 0.55 -3.08 -20.33
N HIS A 348 1.35 -2.02 -20.20
CA HIS A 348 1.21 -0.90 -21.13
C HIS A 348 1.62 -1.28 -22.56
N PHE A 349 2.64 -2.12 -22.73
CA PHE A 349 3.15 -2.43 -24.06
C PHE A 349 2.99 -3.91 -24.37
N ASP A 350 2.98 -4.22 -25.67
CA ASP A 350 2.61 -5.53 -26.19
C ASP A 350 3.76 -6.53 -26.25
N ASN A 351 4.95 -6.22 -25.76
CA ASN A 351 6.05 -7.18 -25.78
C ASN A 351 6.13 -8.05 -24.53
N GLU A 352 5.13 -7.97 -23.64
CA GLU A 352 5.02 -8.94 -22.56
C GLU A 352 4.80 -10.34 -23.12
N ILE A 353 4.08 -10.42 -24.23
CA ILE A 353 3.82 -11.64 -24.99
C ILE A 353 4.63 -11.58 -26.27
N GLN A 354 5.24 -12.69 -26.65
CA GLN A 354 6.03 -12.75 -27.88
C GLN A 354 5.08 -12.90 -29.07
N ILE A 355 4.40 -11.79 -29.39
CA ILE A 355 3.47 -11.78 -30.51
C ILE A 355 4.21 -11.97 -31.84
N ALA A 356 5.38 -11.32 -31.98
CA ALA A 356 6.17 -11.44 -33.20
C ALA A 356 6.46 -12.90 -33.52
N SER A 357 6.78 -13.69 -32.50
CA SER A 357 7.04 -15.10 -32.68
C SER A 357 5.81 -15.84 -33.20
N LEU A 358 4.61 -15.32 -32.90
CA LEU A 358 3.36 -15.95 -33.32
C LEU A 358 2.99 -15.67 -34.77
N ARG A 359 3.55 -14.61 -35.38
CA ARG A 359 3.25 -14.31 -36.77
C ARG A 359 3.61 -15.47 -37.69
N ASN A 360 4.49 -16.38 -37.23
CA ASN A 360 4.93 -17.50 -38.03
C ASN A 360 3.84 -18.55 -38.24
N LEU A 361 2.80 -18.53 -37.42
CA LEU A 361 1.77 -19.56 -37.47
C LEU A 361 0.54 -19.05 -38.20
N LYS A 362 -0.50 -19.88 -38.22
CA LYS A 362 -1.70 -19.60 -38.97
C LYS A 362 -2.68 -18.84 -38.09
N TRP A 363 -2.98 -17.60 -38.45
CA TRP A 363 -3.94 -16.78 -37.74
C TRP A 363 -5.29 -16.82 -38.46
N THR A 364 -6.37 -17.00 -37.69
CA THR A 364 -7.72 -16.82 -38.20
C THR A 364 -8.39 -15.73 -37.37
N ASN A 365 -8.79 -14.65 -38.04
CA ASN A 365 -9.44 -13.57 -37.31
C ASN A 365 -10.88 -13.95 -36.98
N ILE A 366 -11.25 -13.75 -35.72
CA ILE A 366 -12.59 -14.00 -35.24
C ILE A 366 -13.44 -12.75 -35.44
N LYS A 367 -13.00 -11.65 -34.83
CA LYS A 367 -13.69 -10.37 -34.85
C LYS A 367 -12.65 -9.32 -34.47
N PRO A 368 -12.97 -8.02 -34.44
CA PRO A 368 -11.93 -7.03 -34.11
C PRO A 368 -11.30 -7.33 -32.76
N GLN A 369 -9.96 -7.40 -32.75
CA GLN A 369 -9.15 -7.59 -31.54
C GLN A 369 -9.29 -8.99 -30.95
N VAL A 370 -9.75 -9.97 -31.74
CA VAL A 370 -9.83 -11.36 -31.29
C VAL A 370 -9.36 -12.24 -32.45
N ASP A 371 -8.33 -13.04 -32.20
CA ASP A 371 -7.74 -13.89 -33.22
C ASP A 371 -7.50 -15.28 -32.64
N GLU A 372 -7.72 -16.29 -33.49
CA GLU A 372 -7.37 -17.67 -33.18
C GLU A 372 -6.09 -18.03 -33.92
N ILE A 373 -5.16 -18.66 -33.21
CA ILE A 373 -3.85 -19.00 -33.75
C ILE A 373 -3.65 -20.51 -33.60
N GLU A 374 -3.26 -21.16 -34.69
CA GLU A 374 -3.16 -22.62 -34.75
C GLU A 374 -1.69 -23.04 -34.84
N PHE A 375 -1.33 -24.06 -34.05
CA PHE A 375 0.02 -24.60 -33.93
C PHE A 375 0.17 -25.87 -34.74
N PRO A 376 1.41 -26.31 -34.98
CA PRO A 376 1.62 -27.52 -35.83
C PRO A 376 0.85 -28.76 -35.38
N ASP A 377 0.68 -28.97 -34.08
CA ASP A 377 -0.06 -30.14 -33.59
C ASP A 377 -1.56 -29.92 -33.55
N LYS A 378 -2.03 -28.79 -34.06
CA LYS A 378 -3.42 -28.38 -34.25
C LYS A 378 -4.06 -27.81 -32.98
N HIS A 379 -3.39 -27.81 -31.84
CA HIS A 379 -3.94 -27.06 -30.72
C HIS A 379 -3.87 -25.58 -31.05
N ARG A 380 -4.81 -24.83 -30.48
CA ARG A 380 -5.00 -23.42 -30.81
C ARG A 380 -4.99 -22.59 -29.54
N ILE A 381 -4.73 -21.30 -29.70
CA ILE A 381 -4.94 -20.34 -28.62
C ILE A 381 -5.78 -19.17 -29.15
N ILE A 382 -6.43 -18.48 -28.23
CA ILE A 382 -7.23 -17.29 -28.52
C ILE A 382 -6.42 -16.10 -28.02
N MET A 383 -6.13 -15.16 -28.92
CA MET A 383 -5.32 -14.00 -28.59
C MET A 383 -6.20 -12.75 -28.63
N LEU A 384 -6.10 -11.91 -27.62
CA LEU A 384 -6.90 -10.70 -27.51
C LEU A 384 -6.07 -9.48 -27.87
N SER A 385 -6.61 -8.64 -28.76
CA SER A 385 -6.04 -7.33 -29.09
C SER A 385 -4.59 -7.42 -29.57
N GLU A 386 -4.21 -8.54 -30.19
CA GLU A 386 -2.84 -8.75 -30.66
C GLU A 386 -1.82 -8.47 -29.58
N GLY A 387 -2.19 -8.70 -28.31
CA GLY A 387 -1.26 -8.49 -27.21
C GLY A 387 -1.16 -7.06 -26.71
N ARG A 388 -2.03 -6.16 -27.17
CA ARG A 388 -2.11 -4.82 -26.61
C ARG A 388 -3.11 -4.81 -25.46
N LEU A 389 -3.11 -3.71 -24.71
CA LEU A 389 -3.94 -3.50 -23.53
C LEU A 389 -5.35 -4.05 -23.72
N VAL A 390 -5.66 -5.18 -23.06
CA VAL A 390 -6.92 -5.88 -23.32
C VAL A 390 -8.12 -5.09 -22.82
N ASN A 391 -7.97 -4.38 -21.69
CA ASN A 391 -9.11 -3.66 -21.14
C ASN A 391 -9.55 -2.52 -22.06
N LEU A 392 -8.59 -1.88 -22.74
CA LEU A 392 -8.96 -0.81 -23.66
C LEU A 392 -9.15 -1.31 -25.10
N GLY A 393 -8.49 -2.39 -25.48
CA GLY A 393 -8.67 -2.90 -26.84
C GLY A 393 -9.97 -3.68 -27.01
N ASN A 394 -10.31 -4.49 -26.02
CA ASN A 394 -11.46 -5.40 -26.11
C ASN A 394 -12.70 -4.88 -25.39
N ALA A 395 -12.55 -3.95 -24.45
CA ALA A 395 -13.72 -3.33 -23.86
C ALA A 395 -13.56 -1.81 -23.89
N MET A 396 -13.83 -1.13 -22.77
CA MET A 396 -13.91 0.33 -22.78
C MET A 396 -12.93 0.97 -21.79
N GLY A 397 -11.89 0.26 -21.41
CA GLY A 397 -10.99 0.76 -20.37
C GLY A 397 -11.64 0.83 -18.99
N HIS A 398 -10.93 1.48 -18.05
CA HIS A 398 -11.45 1.65 -16.71
C HIS A 398 -12.73 2.48 -16.75
N PRO A 399 -13.69 2.19 -15.87
CA PRO A 399 -14.91 3.01 -15.80
C PRO A 399 -14.61 4.44 -15.35
N SER A 400 -15.52 5.34 -15.74
CA SER A 400 -15.36 6.78 -15.56
C SER A 400 -14.97 7.17 -14.13
N PHE A 401 -15.63 6.59 -13.12
CA PHE A 401 -15.48 7.10 -11.76
C PHE A 401 -14.04 6.99 -11.28
N VAL A 402 -13.41 5.83 -11.48
CA VAL A 402 -12.03 5.72 -11.03
C VAL A 402 -11.11 6.58 -11.90
N MET A 403 -11.49 6.80 -13.17
CA MET A 403 -10.70 7.69 -14.02
C MET A 403 -10.79 9.13 -13.57
N SER A 404 -11.87 9.50 -12.88
CA SER A 404 -12.02 10.87 -12.40
C SER A 404 -10.93 11.25 -11.41
N ALA A 405 -10.55 10.30 -10.54
CA ALA A 405 -9.45 10.56 -9.62
C ALA A 405 -8.14 10.73 -10.37
N SER A 406 -7.82 9.80 -11.28
CA SER A 406 -6.60 9.93 -12.05
C SER A 406 -6.56 11.25 -12.81
N PHE A 407 -7.69 11.63 -13.42
CA PHE A 407 -7.68 12.79 -14.29
C PHE A 407 -7.76 14.10 -13.53
N THR A 408 -8.31 14.09 -12.32
CA THR A 408 -8.20 15.26 -11.47
C THR A 408 -6.75 15.49 -11.09
N ASN A 409 -6.02 14.41 -10.80
CA ASN A 409 -4.58 14.51 -10.57
C ASN A 409 -3.87 15.13 -11.78
N GLN A 410 -4.22 14.66 -12.99
CA GLN A 410 -3.60 15.22 -14.20
C GLN A 410 -3.88 16.70 -14.32
N THR A 411 -5.13 17.11 -14.08
CA THR A 411 -5.49 18.52 -14.18
C THR A 411 -4.72 19.36 -13.18
N LEU A 412 -4.57 18.87 -11.94
CA LEU A 412 -3.80 19.60 -10.94
C LEU A 412 -2.33 19.65 -11.31
N ALA A 413 -1.81 18.58 -11.90
CA ALA A 413 -0.41 18.56 -12.33
C ALA A 413 -0.17 19.54 -13.45
N GLN A 414 -1.11 19.63 -14.41
CA GLN A 414 -0.99 20.64 -15.46
C GLN A 414 -1.03 22.06 -14.90
N ILE A 415 -1.93 22.31 -13.92
CA ILE A 415 -1.96 23.61 -13.26
C ILE A 415 -0.62 23.91 -12.59
N GLU A 416 -0.06 22.93 -11.88
CA GLU A 416 1.19 23.17 -11.16
C GLU A 416 2.30 23.58 -12.12
N LEU A 417 2.50 22.80 -13.17
CA LEU A 417 3.62 23.08 -14.06
C LEU A 417 3.37 24.32 -14.91
N PHE A 418 2.12 24.58 -15.31
CA PHE A 418 1.91 25.71 -16.20
C PHE A 418 1.76 27.03 -15.44
N ALA A 419 1.14 27.01 -14.27
CA ALA A 419 0.79 28.24 -13.56
C ALA A 419 1.58 28.46 -12.26
N ASN A 420 2.07 27.39 -11.62
CA ASN A 420 2.75 27.49 -10.33
CA ASN A 420 2.76 27.52 -10.33
C ASN A 420 4.25 27.22 -10.45
N ASN A 421 4.85 27.55 -11.58
CA ASN A 421 6.31 27.36 -11.71
C ASN A 421 6.99 28.63 -12.21
N LYS A 422 6.49 29.79 -11.80
CA LYS A 422 7.13 31.05 -12.22
C LYS A 422 8.52 31.21 -11.62
N ASP A 423 8.73 30.71 -10.39
CA ASP A 423 10.00 30.83 -9.69
C ASP A 423 10.90 29.62 -9.91
N SER A 424 10.58 28.76 -10.87
CA SER A 424 11.34 27.53 -11.13
C SER A 424 11.39 26.60 -9.91
N LYS A 425 10.35 26.61 -9.08
CA LYS A 425 10.31 25.68 -7.96
C LYS A 425 10.35 24.23 -8.44
N TYR A 426 9.89 23.97 -9.67
CA TYR A 426 10.05 22.66 -10.32
C TYR A 426 11.26 22.71 -11.24
N ALA A 427 12.32 21.99 -10.86
CA ALA A 427 13.49 21.89 -11.72
C ALA A 427 13.23 20.85 -12.81
N LYS A 428 14.26 20.58 -13.63
CA LYS A 428 14.17 19.57 -14.69
C LYS A 428 14.36 18.19 -14.06
N LYS A 429 13.36 17.81 -13.26
CA LYS A 429 13.36 16.60 -12.47
C LYS A 429 11.94 16.06 -12.43
N VAL A 430 11.76 14.92 -11.76
CA VAL A 430 10.47 14.26 -11.66
C VAL A 430 9.93 14.46 -10.24
N TYR A 431 8.70 14.95 -10.14
CA TYR A 431 8.07 15.26 -8.86
C TYR A 431 6.77 14.49 -8.74
N VAL A 432 6.30 14.33 -7.50
CA VAL A 432 4.94 13.87 -7.26
C VAL A 432 4.17 15.01 -6.62
N LEU A 433 2.85 14.91 -6.70
CA LEU A 433 2.00 15.92 -6.11
C LEU A 433 2.01 15.82 -4.59
N PRO A 434 1.84 16.95 -3.90
CA PRO A 434 1.84 16.95 -2.41
C PRO A 434 0.67 16.13 -1.85
N LYS A 435 0.84 15.62 -0.64
CA LYS A 435 -0.21 14.85 -0.02
C LYS A 435 -1.48 15.67 0.18
N THR A 436 -1.37 16.99 0.39
CA THR A 436 -2.56 17.82 0.53
C THR A 436 -3.42 17.78 -0.73
N LEU A 437 -2.78 17.74 -1.90
CA LEU A 437 -3.55 17.64 -3.14
C LEU A 437 -4.05 16.22 -3.36
N ASP A 438 -3.26 15.22 -2.95
CA ASP A 438 -3.71 13.84 -3.02
C ASP A 438 -4.97 13.65 -2.18
N GLU A 439 -4.95 14.17 -0.95
CA GLU A 439 -6.14 14.10 -0.11
C GLU A 439 -7.28 14.92 -0.71
N LYS A 440 -6.96 16.09 -1.26
CA LYS A 440 -7.97 16.89 -1.94
C LYS A 440 -8.72 16.08 -3.00
N VAL A 441 -7.97 15.36 -3.83
CA VAL A 441 -8.60 14.55 -4.87
C VAL A 441 -9.60 13.58 -4.26
N ALA A 442 -9.20 12.87 -3.20
CA ALA A 442 -10.08 11.89 -2.59
C ALA A 442 -11.36 12.55 -2.07
N ARG A 443 -11.21 13.71 -1.41
CA ARG A 443 -12.37 14.41 -0.88
C ARG A 443 -13.40 14.74 -1.95
N LEU A 444 -12.94 15.12 -3.15
CA LEU A 444 -13.88 15.52 -4.19
C LEU A 444 -14.74 14.35 -4.66
N HIS A 445 -14.40 13.13 -4.28
CA HIS A 445 -15.15 11.96 -4.72
C HIS A 445 -16.01 11.36 -3.61
N LEU A 446 -16.01 11.95 -2.41
CA LEU A 446 -16.67 11.32 -1.27
C LEU A 446 -18.19 11.43 -1.39
N ALA A 447 -18.69 12.61 -1.78
CA ALA A 447 -20.14 12.79 -1.83
C ALA A 447 -20.78 11.81 -2.81
N LYS A 448 -20.19 11.67 -4.00
CA LYS A 448 -20.75 10.80 -5.03
C LYS A 448 -20.92 9.37 -4.53
N ILE A 449 -19.88 8.84 -3.86
CA ILE A 449 -19.89 7.45 -3.44
C ILE A 449 -20.52 7.27 -2.07
N GLY A 450 -21.02 8.36 -1.46
CA GLY A 450 -21.84 8.26 -0.27
C GLY A 450 -21.09 8.23 1.06
N VAL A 451 -19.81 8.60 1.07
CA VAL A 451 -19.04 8.55 2.31
C VAL A 451 -19.45 9.68 3.23
N LYS A 452 -19.59 9.39 4.52
CA LYS A 452 -19.69 10.43 5.53
C LYS A 452 -18.42 10.44 6.36
N LEU A 453 -17.59 11.45 6.14
CA LEU A 453 -16.28 11.54 6.77
C LEU A 453 -16.41 12.04 8.21
N THR A 454 -15.60 11.46 9.10
CA THR A 454 -15.58 11.89 10.50
C THR A 454 -14.60 13.04 10.64
N GLU A 455 -14.93 14.00 11.49
CA GLU A 455 -14.04 15.13 11.76
C GLU A 455 -13.40 14.94 13.13
N LEU A 456 -12.08 15.06 13.17
CA LEU A 456 -11.37 14.99 14.44
C LEU A 456 -11.69 16.21 15.30
N ARG A 457 -11.88 15.98 16.60
CA ARG A 457 -11.84 17.10 17.52
C ARG A 457 -10.39 17.54 17.73
N LYS A 458 -10.22 18.74 18.26
CA LYS A 458 -8.88 19.30 18.39
C LYS A 458 -7.97 18.39 19.21
N ASP A 459 -8.48 17.87 20.33
CA ASP A 459 -7.63 17.05 21.18
CA ASP A 459 -7.64 17.03 21.19
C ASP A 459 -7.29 15.71 20.52
N GLN A 460 -8.21 15.16 19.73
CA GLN A 460 -7.88 13.93 19.01
C GLN A 460 -6.84 14.19 17.93
N ALA A 461 -6.89 15.34 17.28
CA ALA A 461 -5.89 15.68 16.28
C ALA A 461 -4.52 15.86 16.92
N ASP A 462 -4.46 16.57 18.05
CA ASP A 462 -3.19 16.69 18.77
C ASP A 462 -2.67 15.31 19.19
N TYR A 463 -3.57 14.43 19.64
CA TYR A 463 -3.15 13.16 20.22
C TYR A 463 -2.42 12.28 19.22
N ILE A 464 -2.79 12.34 17.93
CA ILE A 464 -2.07 11.56 16.92
C ILE A 464 -1.12 12.41 16.09
N GLY A 465 -0.99 13.69 16.39
CA GLY A 465 -0.01 14.52 15.72
C GLY A 465 -0.37 14.97 14.32
N VAL A 466 -1.63 15.36 14.08
CA VAL A 466 -2.05 15.88 12.79
C VAL A 466 -2.91 17.11 13.04
N LYS A 467 -3.01 17.95 12.01
CA LYS A 467 -3.98 19.02 11.97
C LYS A 467 -5.35 18.43 11.66
N GLN A 468 -6.40 19.08 12.20
CA GLN A 468 -7.76 18.60 11.94
C GLN A 468 -8.05 18.48 10.45
N GLU A 469 -7.52 19.42 9.67
CA GLU A 469 -7.79 19.45 8.24
C GLU A 469 -6.78 18.63 7.44
N GLY A 470 -5.90 17.88 8.11
CA GLY A 470 -4.91 17.09 7.40
C GLY A 470 -3.70 17.92 6.97
N PRO A 471 -2.69 17.27 6.34
CA PRO A 471 -2.62 15.85 5.95
C PRO A 471 -2.64 14.92 7.16
N TYR A 472 -3.09 13.68 6.97
CA TYR A 472 -3.28 12.76 8.07
C TYR A 472 -2.17 11.72 8.20
N LYS A 473 -1.30 11.58 7.20
CA LYS A 473 -0.29 10.54 7.19
C LYS A 473 1.07 11.14 6.83
N SER A 474 2.12 10.51 7.36
CA SER A 474 3.48 10.78 6.91
C SER A 474 3.60 10.54 5.41
N ASP A 475 4.56 11.24 4.78
CA ASP A 475 4.83 10.98 3.36
C ASP A 475 5.24 9.55 3.11
N HIS A 476 5.77 8.85 4.12
CA HIS A 476 6.18 7.46 3.95
C HIS A 476 5.01 6.48 3.99
N TYR A 477 3.80 6.93 4.29
CA TYR A 477 2.69 6.01 4.52
C TYR A 477 2.29 5.29 3.23
N ARG A 478 2.05 3.99 3.34
CA ARG A 478 1.79 3.15 2.19
C ARG A 478 0.32 2.91 1.89
N TYR A 479 -0.58 3.19 2.84
CA TYR A 479 -2.02 2.92 2.66
C TYR A 479 -2.28 1.47 2.34
N GLY B 12 19.89 -24.02 40.51
CA GLY B 12 18.51 -23.61 40.57
C GLY B 12 18.32 -22.18 40.06
N PHE B 13 17.09 -21.82 39.67
CA PHE B 13 16.82 -20.54 39.05
C PHE B 13 15.55 -19.92 39.65
N THR B 14 15.66 -18.67 40.12
CA THR B 14 14.55 -18.01 40.79
C THR B 14 14.22 -16.62 40.27
N ASP B 15 14.91 -16.15 39.24
CA ASP B 15 14.82 -14.74 38.83
C ASP B 15 13.69 -14.57 37.81
N TYR B 16 12.46 -14.77 38.28
CA TYR B 16 11.32 -14.69 37.38
C TYR B 16 10.03 -14.53 38.18
N ILE B 17 8.97 -14.11 37.50
CA ILE B 17 7.61 -14.11 38.03
C ILE B 17 6.69 -14.58 36.93
N VAL B 18 6.09 -15.76 37.11
CA VAL B 18 5.08 -16.25 36.18
C VAL B 18 3.93 -16.83 36.98
N LYS B 19 2.85 -17.11 36.27
CA LYS B 19 1.61 -17.57 36.87
C LYS B 19 1.79 -18.91 37.57
N ASP B 20 2.32 -19.89 36.84
CA ASP B 20 2.43 -21.26 37.35
C ASP B 20 3.53 -21.93 36.54
N ILE B 21 4.66 -22.20 37.19
CA ILE B 21 5.79 -22.82 36.51
C ILE B 21 5.46 -24.20 35.98
N ALA B 22 4.45 -24.86 36.55
CA ALA B 22 4.09 -26.20 36.10
C ALA B 22 3.49 -26.22 34.70
N LEU B 23 3.20 -25.05 34.13
CA LEU B 23 2.74 -24.99 32.74
C LEU B 23 3.88 -25.03 31.73
N ALA B 24 5.14 -25.18 32.18
CA ALA B 24 6.27 -25.09 31.27
C ALA B 24 6.25 -26.17 30.21
N ASP B 25 5.91 -27.42 30.57
CA ASP B 25 5.88 -28.49 29.58
C ASP B 25 4.83 -28.22 28.51
N PHE B 26 3.68 -27.67 28.91
CA PHE B 26 2.64 -27.31 27.96
C PHE B 26 3.15 -26.21 27.02
N GLY B 27 3.80 -25.20 27.58
CA GLY B 27 4.37 -24.14 26.75
C GLY B 27 5.40 -24.68 25.76
N ARG B 28 6.31 -25.53 26.26
CA ARG B 28 7.32 -26.15 25.41
C ARG B 28 6.69 -26.88 24.23
N LYS B 29 5.60 -27.62 24.45
CA LYS B 29 4.97 -28.34 23.36
C LYS B 29 4.44 -27.38 22.30
N GLU B 30 3.80 -26.29 22.74
CA GLU B 30 3.28 -25.32 21.78
C GLU B 30 4.40 -24.52 21.12
N ILE B 31 5.51 -24.27 21.84
CA ILE B 31 6.64 -23.58 21.25
C ILE B 31 7.24 -24.42 20.13
N SER B 32 7.39 -25.72 20.37
CA SER B 32 7.88 -26.62 19.34
C SER B 32 6.97 -26.60 18.10
N LEU B 33 5.65 -26.60 18.31
CA LEU B 33 4.73 -26.52 17.17
C LEU B 33 4.89 -25.19 16.43
N ALA B 34 5.05 -24.10 17.19
CA ALA B 34 5.25 -22.78 16.58
C ALA B 34 6.52 -22.73 15.74
N GLU B 35 7.60 -23.38 16.18
CA GLU B 35 8.85 -23.35 15.42
C GLU B 35 8.64 -23.79 13.98
N THR B 36 7.81 -24.83 13.78
CA THR B 36 7.48 -25.28 12.43
C THR B 36 6.77 -24.17 11.65
N GLU B 37 5.96 -23.37 12.33
CA GLU B 37 5.19 -22.30 11.73
C GLU B 37 5.99 -21.00 11.56
N MET B 38 7.25 -20.95 11.96
CA MET B 38 8.04 -19.71 11.96
CA MET B 38 8.04 -19.71 11.96
C MET B 38 9.38 -19.92 11.27
N PRO B 39 9.37 -20.21 9.96
CA PRO B 39 10.64 -20.47 9.25
C PRO B 39 11.61 -19.29 9.23
N GLY B 40 11.11 -18.06 9.28
CA GLY B 40 12.02 -16.92 9.32
C GLY B 40 12.92 -16.93 10.54
N LEU B 41 12.34 -17.20 11.72
CA LEU B 41 13.13 -17.26 12.94
C LEU B 41 14.08 -18.46 12.92
N MET B 42 13.59 -19.63 12.49
CA MET B 42 14.43 -20.82 12.49
C MET B 42 15.60 -20.67 11.52
N ALA B 43 15.32 -20.16 10.32
CA ALA B 43 16.38 -19.95 9.34
C ALA B 43 17.37 -18.88 9.80
N THR B 44 16.90 -17.92 10.58
CA THR B 44 17.79 -16.90 11.15
C THR B 44 18.78 -17.52 12.13
N ARG B 45 18.30 -18.44 12.98
CA ARG B 45 19.20 -19.15 13.90
C ARG B 45 20.25 -19.92 13.13
N GLU B 46 19.85 -20.59 12.05
CA GLU B 46 20.79 -21.40 11.28
C GLU B 46 21.86 -20.53 10.64
N GLU B 47 21.48 -19.36 10.13
CA GLU B 47 22.46 -18.51 9.46
C GLU B 47 23.38 -17.82 10.46
N TYR B 48 22.80 -17.23 11.51
CA TYR B 48 23.57 -16.39 12.44
C TYR B 48 24.02 -17.10 13.71
N GLY B 49 23.45 -18.25 14.02
CA GLY B 49 23.86 -19.02 15.17
C GLY B 49 25.36 -19.17 15.31
N PRO B 50 26.01 -19.74 14.29
CA PRO B 50 27.49 -19.87 14.37
C PRO B 50 28.18 -18.52 14.42
N LYS B 51 27.63 -17.51 13.76
CA LYS B 51 28.23 -16.18 13.73
C LYS B 51 28.17 -15.49 15.09
N GLN B 52 27.24 -15.89 15.96
CA GLN B 52 27.01 -15.32 17.29
C GLN B 52 27.04 -13.79 17.28
N PRO B 53 26.22 -13.13 16.43
CA PRO B 53 26.29 -11.67 16.35
C PRO B 53 25.79 -10.98 17.60
N LEU B 54 25.00 -11.66 18.42
CA LEU B 54 24.45 -11.07 19.63
C LEU B 54 25.24 -11.43 20.88
N LYS B 55 26.40 -12.09 20.74
CA LYS B 55 27.24 -12.34 21.91
C LYS B 55 27.62 -11.02 22.58
N GLY B 56 27.35 -10.93 23.88
CA GLY B 56 27.54 -9.71 24.62
C GLY B 56 26.32 -8.81 24.70
N ALA B 57 25.28 -9.09 23.92
CA ALA B 57 24.07 -8.29 24.00
C ALA B 57 23.32 -8.60 25.30
N ARG B 58 22.74 -7.56 25.88
CA ARG B 58 21.89 -7.66 27.06
C ARG B 58 20.56 -7.01 26.68
N ILE B 59 19.61 -7.81 26.16
CA ILE B 59 18.38 -7.29 25.58
C ILE B 59 17.28 -7.29 26.62
N ALA B 60 16.74 -6.09 26.93
CA ALA B 60 15.53 -5.96 27.72
C ALA B 60 14.36 -5.95 26.76
N GLY B 61 13.54 -6.99 26.81
CA GLY B 61 12.41 -7.12 25.90
C GLY B 61 11.10 -6.80 26.62
N SER B 62 10.28 -5.99 25.94
CA SER B 62 8.93 -5.66 26.42
C SER B 62 7.98 -5.87 25.25
N LEU B 63 7.37 -7.05 25.23
CA LEU B 63 6.51 -7.48 24.14
C LEU B 63 5.69 -8.67 24.59
N HIS B 64 4.38 -8.65 24.29
CA HIS B 64 3.40 -9.69 24.60
C HIS B 64 4.04 -11.06 24.80
N MET B 65 3.99 -11.59 26.03
CA MET B 65 4.69 -12.84 26.32
C MET B 65 3.83 -14.02 25.86
N THR B 66 3.87 -14.26 24.55
CA THR B 66 3.12 -15.32 23.91
C THR B 66 4.05 -16.44 23.48
N ILE B 67 3.44 -17.51 22.98
CA ILE B 67 4.20 -18.60 22.37
C ILE B 67 5.05 -18.07 21.22
N GLN B 68 4.49 -17.18 20.39
CA GLN B 68 5.25 -16.61 19.27
C GLN B 68 6.46 -15.83 19.77
N THR B 69 6.25 -15.01 20.78
CA THR B 69 7.37 -14.30 21.39
C THR B 69 8.41 -15.26 21.96
N ALA B 70 7.98 -16.43 22.46
CA ALA B 70 8.96 -17.38 23.01
C ALA B 70 9.94 -17.84 21.93
N VAL B 71 9.46 -18.06 20.72
CA VAL B 71 10.36 -18.44 19.63
C VAL B 71 11.33 -17.30 19.30
N LEU B 72 10.84 -16.05 19.36
CA LEU B 72 11.73 -14.89 19.16
C LEU B 72 12.80 -14.85 20.24
N ILE B 73 12.42 -15.01 21.50
CA ILE B 73 13.39 -14.93 22.60
C ILE B 73 14.47 -15.98 22.42
N GLU B 74 14.08 -17.20 22.10
CA GLU B 74 15.07 -18.27 21.97
C GLU B 74 15.88 -18.15 20.69
N THR B 75 15.38 -17.43 19.68
CA THR B 75 16.21 -17.07 18.54
C THR B 75 17.29 -16.08 18.96
N LEU B 76 16.90 -15.06 19.74
CA LEU B 76 17.87 -14.10 20.27
C LEU B 76 18.96 -14.82 21.07
N ALA B 77 18.55 -15.74 21.94
CA ALA B 77 19.51 -16.51 22.73
C ALA B 77 20.42 -17.34 21.84
N ALA B 78 19.83 -18.06 20.87
CA ALA B 78 20.62 -18.87 19.94
C ALA B 78 21.68 -18.05 19.21
N LEU B 79 21.49 -16.74 19.12
CA LEU B 79 22.47 -15.87 18.51
C LEU B 79 23.45 -15.30 19.53
N GLY B 80 23.30 -15.65 20.81
CA GLY B 80 24.24 -15.28 21.85
C GLY B 80 23.72 -14.27 22.86
N ALA B 81 22.49 -13.81 22.73
CA ALA B 81 21.99 -12.69 23.54
C ALA B 81 21.63 -13.13 24.95
N ASP B 82 21.99 -12.28 25.91
CA ASP B 82 21.48 -12.34 27.28
C ASP B 82 20.19 -11.52 27.34
N ILE B 83 19.20 -11.98 28.11
CA ILE B 83 17.82 -11.52 27.95
C ILE B 83 17.12 -11.40 29.29
N ARG B 84 16.32 -10.33 29.45
CA ARG B 84 15.24 -10.26 30.43
C ARG B 84 13.97 -9.79 29.73
N TRP B 85 12.81 -10.23 30.20
CA TRP B 85 11.61 -10.03 29.40
C TRP B 85 10.39 -9.73 30.25
N VAL B 86 9.50 -8.88 29.72
CA VAL B 86 8.16 -8.67 30.27
C VAL B 86 7.15 -8.61 29.12
N SER B 87 5.87 -8.72 29.48
CA SER B 87 4.80 -8.45 28.52
C SER B 87 4.56 -6.95 28.42
N CYS B 88 3.97 -6.52 27.30
CA CYS B 88 3.65 -5.11 27.13
C CYS B 88 2.17 -4.80 27.32
N ASN B 89 1.41 -5.72 27.92
CA ASN B 89 0.00 -5.48 28.19
C ASN B 89 -0.43 -6.43 29.30
N ILE B 90 -1.35 -5.96 30.14
CA ILE B 90 -1.70 -6.71 31.34
C ILE B 90 -2.42 -8.02 31.03
N TYR B 91 -3.06 -8.15 29.87
CA TYR B 91 -3.83 -9.35 29.53
C TYR B 91 -3.25 -10.19 28.41
N SER B 92 -2.10 -9.83 27.84
CA SER B 92 -1.65 -10.49 26.61
C SER B 92 -0.75 -11.69 26.86
N THR B 93 -0.19 -11.83 28.07
CA THR B 93 0.66 -12.97 28.36
C THR B 93 -0.09 -14.27 28.16
N GLN B 94 0.59 -15.25 27.60
CA GLN B 94 0.12 -16.63 27.62
C GLN B 94 0.96 -17.36 28.68
N ASP B 95 0.31 -17.80 29.76
CA ASP B 95 1.05 -18.22 30.95
C ASP B 95 1.90 -19.45 30.70
N HIS B 96 1.52 -20.30 29.74
CA HIS B 96 2.37 -21.44 29.43
C HIS B 96 3.62 -21.00 28.65
N ALA B 97 3.51 -19.97 27.82
CA ALA B 97 4.69 -19.41 27.17
C ALA B 97 5.66 -18.85 28.21
N ALA B 98 5.13 -18.05 29.14
CA ALA B 98 5.99 -17.45 30.16
C ALA B 98 6.67 -18.52 31.00
N ALA B 99 5.91 -19.54 31.41
CA ALA B 99 6.50 -20.61 32.23
C ALA B 99 7.62 -21.32 31.48
N ALA B 100 7.45 -21.55 30.17
CA ALA B 100 8.50 -22.24 29.43
C ALA B 100 9.78 -21.41 29.36
N ILE B 101 9.64 -20.09 29.19
CA ILE B 101 10.82 -19.23 29.16
C ILE B 101 11.52 -19.21 30.52
N ALA B 102 10.74 -19.13 31.61
CA ALA B 102 11.35 -19.17 32.94
C ALA B 102 12.07 -20.50 33.18
N ALA B 103 11.40 -21.62 32.86
CA ALA B 103 12.05 -22.92 33.00
C ALA B 103 13.29 -23.04 32.12
N ALA B 104 13.37 -22.25 31.04
CA ALA B 104 14.57 -22.21 30.20
C ALA B 104 15.70 -21.41 30.83
N GLY B 105 15.48 -20.77 31.96
CA GLY B 105 16.52 -20.01 32.62
C GLY B 105 16.62 -18.56 32.22
N ILE B 106 15.59 -18.03 31.58
CA ILE B 106 15.55 -16.63 31.14
C ILE B 106 14.67 -15.85 32.12
N PRO B 107 15.16 -14.78 32.74
CA PRO B 107 14.29 -13.94 33.58
C PRO B 107 13.12 -13.38 32.79
N VAL B 108 11.91 -13.71 33.23
CA VAL B 108 10.69 -13.22 32.63
C VAL B 108 9.71 -12.86 33.74
N PHE B 109 9.01 -11.74 33.57
CA PHE B 109 8.06 -11.26 34.56
C PHE B 109 6.75 -10.95 33.83
N ALA B 110 5.83 -11.91 33.79
CA ALA B 110 4.64 -11.77 32.95
C ALA B 110 3.55 -12.72 33.41
N VAL B 111 2.36 -12.19 33.64
CA VAL B 111 1.22 -12.95 34.12
C VAL B 111 -0.02 -12.43 33.41
N LYS B 112 -0.82 -13.34 32.85
CA LYS B 112 -2.07 -12.91 32.22
C LYS B 112 -3.01 -12.38 33.30
N GLY B 113 -3.45 -11.15 33.18
CA GLY B 113 -4.29 -10.56 34.21
C GLY B 113 -3.53 -9.91 35.34
N GLU B 114 -2.26 -9.55 35.13
CA GLU B 114 -1.54 -8.79 36.14
C GLU B 114 -2.19 -7.42 36.32
N THR B 115 -1.93 -6.80 37.48
CA THR B 115 -2.48 -5.48 37.72
C THR B 115 -1.62 -4.42 37.02
N LEU B 116 -2.14 -3.19 36.97
CA LEU B 116 -1.37 -2.10 36.37
C LEU B 116 -0.11 -1.81 37.18
N THR B 117 -0.20 -1.91 38.50
CA THR B 117 0.98 -1.67 39.34
C THR B 117 2.01 -2.78 39.16
N GLU B 118 1.56 -4.02 39.10
CA GLU B 118 2.46 -5.13 38.77
C GLU B 118 3.12 -4.91 37.42
N TYR B 119 2.31 -4.58 36.40
CA TYR B 119 2.84 -4.34 35.05
C TYR B 119 4.05 -3.42 35.08
N TRP B 120 3.94 -2.28 35.78
CA TRP B 120 5.01 -1.29 35.73
C TRP B 120 6.20 -1.69 36.61
N ASP B 121 5.97 -2.33 37.76
CA ASP B 121 7.12 -2.80 38.53
C ASP B 121 7.88 -3.89 37.78
N TYR B 122 7.15 -4.74 37.04
CA TYR B 122 7.82 -5.76 36.22
C TYR B 122 8.65 -5.10 35.13
N THR B 123 8.12 -4.05 34.49
CA THR B 123 8.91 -3.32 33.49
C THR B 123 10.22 -2.83 34.10
N ALA B 124 10.17 -2.30 35.33
CA ALA B 124 11.38 -1.81 35.97
C ALA B 124 12.39 -2.93 36.23
N LYS B 125 11.92 -4.16 36.43
CA LYS B 125 12.86 -5.28 36.66
C LYS B 125 13.68 -5.59 35.41
N LEU B 126 13.22 -5.18 34.23
CA LEU B 126 14.03 -5.30 33.02
C LEU B 126 15.43 -4.75 33.24
N PHE B 127 15.55 -3.68 34.00
CA PHE B 127 16.79 -2.90 33.99
C PHE B 127 17.76 -3.27 35.10
N ASP B 128 17.38 -4.22 35.97
CA ASP B 128 18.27 -4.77 37.00
C ASP B 128 18.92 -6.04 36.46
N TRP B 129 20.07 -5.91 35.80
CA TRP B 129 20.60 -7.06 35.08
C TRP B 129 21.21 -8.09 36.04
N HIS B 130 21.01 -9.36 35.72
CA HIS B 130 21.57 -10.43 36.52
C HIS B 130 23.09 -10.47 36.38
N GLY B 131 23.77 -10.64 37.52
CA GLY B 131 25.21 -10.51 37.54
C GLY B 131 25.70 -9.10 37.74
N GLY B 132 24.80 -8.13 37.77
CA GLY B 132 25.11 -6.72 37.93
C GLY B 132 24.95 -5.97 36.62
N GLY B 133 24.58 -4.69 36.73
CA GLY B 133 24.57 -3.80 35.60
C GLY B 133 23.17 -3.55 35.03
N THR B 134 23.17 -3.14 33.77
CA THR B 134 21.99 -2.67 33.06
C THR B 134 21.90 -3.41 31.74
N PRO B 135 20.76 -3.34 31.06
CA PRO B 135 20.69 -3.84 29.68
C PRO B 135 21.55 -2.96 28.78
N ASN B 136 21.78 -3.44 27.55
CA ASN B 136 22.39 -2.59 26.54
C ASN B 136 21.59 -2.59 25.24
N MET B 137 20.44 -3.26 25.21
CA MET B 137 19.48 -3.17 24.13
C MET B 137 18.07 -3.19 24.69
N ILE B 138 17.15 -2.59 23.95
CA ILE B 138 15.72 -2.65 24.26
C ILE B 138 15.01 -3.15 23.02
N LEU B 139 14.10 -4.11 23.21
CA LEU B 139 13.17 -4.53 22.17
C LEU B 139 11.78 -4.17 22.69
N ASP B 140 11.11 -3.22 22.04
CA ASP B 140 9.90 -2.62 22.59
C ASP B 140 8.68 -2.85 21.69
N ASP B 141 7.51 -2.89 22.32
CA ASP B 141 6.23 -2.93 21.61
C ASP B 141 5.28 -1.95 22.28
N GLY B 142 5.15 -0.74 21.75
CA GLY B 142 4.34 0.28 22.37
C GLY B 142 5.13 1.36 23.09
N GLY B 143 6.45 1.20 23.19
CA GLY B 143 7.31 2.23 23.74
C GLY B 143 7.34 2.38 25.25
N ASP B 144 6.64 1.52 25.99
CA ASP B 144 6.55 1.70 27.45
C ASP B 144 7.92 1.59 28.12
N ALA B 145 8.67 0.52 27.82
CA ALA B 145 10.01 0.39 28.38
C ALA B 145 10.90 1.56 27.98
N THR B 146 10.88 1.92 26.68
CA THR B 146 11.61 3.09 26.21
C THR B 146 11.18 4.34 26.96
N MET B 147 9.88 4.49 27.18
CA MET B 147 9.37 5.67 27.88
C MET B 147 9.83 5.72 29.34
N LEU B 148 10.02 4.56 29.98
CA LEU B 148 10.49 4.57 31.36
C LEU B 148 11.91 5.13 31.46
N VAL B 149 12.78 4.75 30.52
CA VAL B 149 14.14 5.26 30.50
C VAL B 149 14.15 6.77 30.27
N HIS B 150 13.32 7.24 29.34
CA HIS B 150 13.34 8.67 29.02
C HIS B 150 12.72 9.50 30.13
N ALA B 151 11.67 8.99 30.76
CA ALA B 151 11.02 9.74 31.84
C ALA B 151 11.94 9.86 33.06
N GLY B 152 12.55 8.75 33.48
CA GLY B 152 13.47 8.81 34.60
C GLY B 152 14.67 9.68 34.29
N TYR B 153 15.18 9.61 33.06
CA TYR B 153 16.30 10.45 32.66
C TYR B 153 15.94 11.93 32.73
N ARG B 154 14.81 12.30 32.15
CA ARG B 154 14.31 13.68 32.23
C ARG B 154 14.24 14.16 33.67
N ALA B 155 13.70 13.32 34.57
CA ALA B 155 13.59 13.69 35.97
C ALA B 155 14.96 13.73 36.64
N GLU B 156 15.78 12.70 36.41
CA GLU B 156 17.10 12.64 37.04
C GLU B 156 17.94 13.86 36.67
N GLN B 157 17.67 14.48 35.52
CA GLN B 157 18.37 15.70 35.13
C GLN B 157 17.72 16.97 35.68
N GLY B 158 16.65 16.85 36.48
CA GLY B 158 16.12 17.97 37.23
C GLY B 158 14.73 18.43 36.83
N ASP B 159 14.24 18.05 35.64
CA ASP B 159 12.90 18.45 35.23
C ASP B 159 11.90 17.42 35.74
N THR B 160 11.50 17.61 37.00
CA THR B 160 10.62 16.69 37.71
C THR B 160 9.18 17.16 37.73
N ALA B 161 8.87 18.33 37.17
CA ALA B 161 7.55 18.92 37.33
C ALA B 161 6.44 18.01 36.81
N PHE B 162 6.65 17.41 35.64
CA PHE B 162 5.63 16.57 35.02
C PHE B 162 5.22 15.41 35.92
N LEU B 163 6.12 14.97 36.79
CA LEU B 163 5.87 13.80 37.64
C LEU B 163 4.75 14.02 38.64
N ASP B 164 4.42 15.27 38.94
CA ASP B 164 3.36 15.58 39.89
C ASP B 164 2.07 16.00 39.20
N LYS B 165 2.04 16.02 37.87
CA LYS B 165 0.89 16.50 37.11
C LYS B 165 0.33 15.36 36.27
N PRO B 166 -0.29 14.35 36.90
CA PRO B 166 -0.94 13.29 36.11
C PRO B 166 -2.42 13.56 35.92
N GLY B 167 -3.04 12.80 35.01
CA GLY B 167 -4.46 12.88 34.77
C GLY B 167 -4.98 11.56 34.24
N SER B 168 -4.56 10.48 34.88
CA SER B 168 -4.92 9.13 34.45
C SER B 168 -4.51 8.14 35.53
N GLU B 169 -5.30 7.08 35.68
CA GLU B 169 -4.99 6.03 36.64
C GLU B 169 -3.64 5.39 36.31
N GLU B 170 -3.46 4.97 35.06
CA GLU B 170 -2.21 4.36 34.64
C GLU B 170 -1.05 5.32 34.76
N GLU B 171 -1.27 6.58 34.39
CA GLU B 171 -0.19 7.54 34.33
C GLU B 171 0.28 7.95 35.73
N GLU B 172 -0.62 7.94 36.72
CA GLU B 172 -0.18 8.17 38.10
C GLU B 172 0.65 7.00 38.61
N ILE B 173 0.23 5.77 38.32
CA ILE B 173 1.02 4.60 38.69
C ILE B 173 2.38 4.65 38.02
N PHE B 174 2.42 5.10 36.76
CA PHE B 174 3.70 5.16 36.06
C PHE B 174 4.61 6.21 36.68
N TYR B 175 4.07 7.39 36.99
CA TYR B 175 4.86 8.45 37.63
C TYR B 175 5.35 8.03 39.00
N ALA B 176 4.51 7.32 39.76
CA ALA B 176 4.95 6.82 41.06
C ALA B 176 6.16 5.89 40.91
N LEU B 177 6.12 5.02 39.90
CA LEU B 177 7.27 4.17 39.59
C LEU B 177 8.53 5.00 39.39
N VAL B 178 8.44 6.07 38.61
CA VAL B 178 9.63 6.86 38.29
C VAL B 178 10.18 7.53 39.54
N LYS B 179 9.31 8.07 40.39
CA LYS B 179 9.77 8.62 41.66
C LYS B 179 10.43 7.56 42.51
N ARG B 180 9.78 6.41 42.66
CA ARG B 180 10.32 5.37 43.51
C ARG B 180 11.71 4.95 43.05
N LEU B 181 11.90 4.81 41.72
CA LEU B 181 13.20 4.42 41.19
C LEU B 181 14.24 5.49 41.48
N LEU B 182 13.86 6.76 41.35
CA LEU B 182 14.80 7.84 41.68
C LEU B 182 15.19 7.79 43.15
N LYS B 183 14.28 7.36 44.03
CA LYS B 183 14.55 7.35 45.46
C LYS B 183 15.34 6.13 45.89
N GLU B 184 15.20 5.01 45.18
CA GLU B 184 15.82 3.75 45.58
C GLU B 184 17.15 3.48 44.89
N LYS B 185 17.34 3.96 43.63
CA LYS B 185 18.48 3.50 42.85
C LYS B 185 19.67 4.47 42.98
N PRO B 186 20.91 3.98 42.72
CA PRO B 186 22.11 4.84 42.82
C PRO B 186 22.04 6.13 41.99
N LYS B 187 22.89 7.15 42.27
CA LYS B 187 22.95 8.34 41.39
C LYS B 187 23.15 7.88 39.98
N GLY B 188 22.50 8.58 39.06
CA GLY B 188 22.86 8.45 37.69
C GLY B 188 22.45 7.12 37.13
N TRP B 189 21.51 6.46 37.78
CA TRP B 189 21.06 5.16 37.31
C TRP B 189 20.40 5.28 35.94
N PHE B 190 19.54 6.30 35.75
CA PHE B 190 18.92 6.48 34.44
C PHE B 190 19.94 6.96 33.41
N ALA B 191 20.83 7.87 33.81
CA ALA B 191 21.94 8.25 32.94
C ALA B 191 22.81 7.04 32.61
N GLU B 192 23.04 6.18 33.60
CA GLU B 192 23.79 4.93 33.36
C GLU B 192 23.09 4.07 32.32
N ILE B 193 21.79 3.80 32.52
CA ILE B 193 21.02 3.03 31.55
C ILE B 193 21.11 3.68 30.17
N ALA B 194 20.76 4.97 30.09
CA ALA B 194 20.73 5.66 28.80
C ALA B 194 22.09 5.58 28.11
N LYS B 195 23.17 5.68 28.87
CA LYS B 195 24.52 5.56 28.31
C LYS B 195 24.76 4.18 27.70
N ASN B 196 24.26 3.13 28.33
CA ASN B 196 24.56 1.76 27.92
C ASN B 196 23.62 1.22 26.86
N ILE B 197 22.43 1.80 26.69
CA ILE B 197 21.52 1.29 25.67
C ILE B 197 22.06 1.64 24.30
N LYS B 198 22.43 0.61 23.53
CA LYS B 198 22.94 0.80 22.17
C LYS B 198 21.86 1.09 21.15
N GLY B 199 20.63 0.67 21.42
CA GLY B 199 19.55 0.94 20.49
C GLY B 199 18.28 0.30 20.99
N VAL B 200 17.18 0.70 20.36
CA VAL B 200 15.88 0.10 20.62
C VAL B 200 15.22 -0.21 19.28
N SER B 201 14.62 -1.40 19.18
CA SER B 201 13.78 -1.73 18.04
C SER B 201 12.33 -1.78 18.50
N GLU B 202 11.44 -1.13 17.75
CA GLU B 202 10.06 -0.88 18.16
C GLU B 202 9.10 -1.54 17.19
N GLU B 203 8.12 -2.26 17.74
CA GLU B 203 7.25 -3.17 17.00
C GLU B 203 6.05 -2.49 16.35
N THR B 204 5.44 -1.49 16.99
CA THR B 204 4.06 -1.14 16.65
C THR B 204 3.90 0.35 16.39
N THR B 205 2.82 0.68 15.68
CA THR B 205 2.56 2.03 15.20
C THR B 205 2.57 3.05 16.33
N THR B 206 1.92 2.72 17.45
CA THR B 206 1.85 3.68 18.55
C THR B 206 3.23 3.92 19.17
N GLY B 207 4.03 2.87 19.31
CA GLY B 207 5.37 3.06 19.84
C GLY B 207 6.24 3.87 18.90
N VAL B 208 6.11 3.62 17.60
CA VAL B 208 6.90 4.37 16.62
C VAL B 208 6.51 5.84 16.65
N HIS B 209 5.22 6.13 16.83
CA HIS B 209 4.77 7.50 17.01
C HIS B 209 5.49 8.15 18.19
N ARG B 210 5.57 7.43 19.32
CA ARG B 210 6.30 7.95 20.47
C ARG B 210 7.75 8.26 20.13
N LEU B 211 8.39 7.40 19.30
CA LEU B 211 9.79 7.62 18.95
C LEU B 211 9.97 8.92 18.18
N TYR B 212 9.11 9.17 17.19
CA TYR B 212 9.26 10.39 16.41
C TYR B 212 8.94 11.62 17.24
N GLU B 213 8.08 11.50 18.25
CA GLU B 213 7.88 12.65 19.14
C GLU B 213 9.17 12.98 19.89
N MET B 214 9.90 11.95 20.34
CA MET B 214 11.19 12.20 20.98
C MET B 214 12.25 12.63 19.95
N ALA B 215 12.25 12.02 18.79
CA ALA B 215 13.23 12.34 17.78
C ALA B 215 13.14 13.79 17.40
N ASN B 216 11.96 14.23 17.05
CA ASN B 216 11.68 15.58 16.65
C ASN B 216 11.98 16.64 17.72
N LYS B 217 11.87 16.30 18.99
CA LYS B 217 12.14 17.16 20.10
C LYS B 217 13.62 17.16 20.48
N GLY B 218 14.39 16.25 19.96
CA GLY B 218 15.79 16.14 20.29
C GLY B 218 16.19 15.48 21.61
N THR B 219 15.29 14.70 22.18
CA THR B 219 15.39 14.02 23.46
C THR B 219 15.61 12.52 23.33
N LEU B 220 15.50 11.95 22.13
CA LEU B 220 15.78 10.54 21.92
C LEU B 220 17.22 10.23 22.36
N LEU B 221 17.37 9.29 23.29
CA LEU B 221 18.65 9.04 23.94
C LEU B 221 19.52 8.01 23.22
N PHE B 222 18.96 7.25 22.28
CA PHE B 222 19.72 6.22 21.59
C PHE B 222 19.08 5.95 20.25
N PRO B 223 19.83 5.35 19.33
CA PRO B 223 19.24 5.02 18.00
C PRO B 223 18.02 4.10 18.13
N ALA B 224 17.09 4.27 17.21
CA ALA B 224 15.88 3.45 17.15
C ALA B 224 15.69 2.93 15.74
N ILE B 225 15.31 1.65 15.62
CA ILE B 225 14.84 1.11 14.35
C ILE B 225 13.34 0.89 14.47
N ASN B 226 12.62 1.40 13.47
CA ASN B 226 11.17 1.33 13.32
C ASN B 226 10.87 0.04 12.57
N VAL B 227 10.53 -1.01 13.32
CA VAL B 227 10.24 -2.31 12.71
C VAL B 227 8.82 -2.32 12.14
N ASN B 228 7.91 -1.50 12.68
CA ASN B 228 6.54 -1.51 12.18
C ASN B 228 6.49 -1.23 10.68
N ASP B 229 7.36 -0.36 10.18
CA ASP B 229 7.23 0.09 8.80
C ASP B 229 8.07 -0.71 7.82
N SER B 230 8.68 -1.82 8.24
CA SER B 230 9.03 -2.85 7.25
C SER B 230 7.77 -3.26 6.51
N VAL B 231 7.90 -3.43 5.19
CA VAL B 231 6.75 -3.90 4.43
C VAL B 231 6.30 -5.26 4.94
N THR B 232 7.28 -6.14 5.22
CA THR B 232 6.98 -7.48 5.71
C THR B 232 6.49 -7.49 7.15
N LYS B 233 6.31 -6.32 7.77
CA LYS B 233 5.58 -6.22 9.03
C LYS B 233 4.23 -5.55 8.80
N SER B 234 4.23 -4.25 8.45
CA SER B 234 3.00 -3.46 8.41
C SER B 234 1.97 -4.01 7.43
N LYS B 235 2.41 -4.57 6.30
CA LYS B 235 1.49 -5.11 5.29
C LYS B 235 1.19 -6.59 5.51
N PHE B 236 1.68 -7.18 6.60
CA PHE B 236 1.42 -8.59 6.87
C PHE B 236 0.82 -8.75 8.25
N ASP B 237 1.63 -8.48 9.28
CA ASP B 237 1.16 -8.52 10.67
C ASP B 237 -0.10 -7.70 10.87
N ASN B 238 0.00 -6.37 10.67
CA ASN B 238 -1.12 -5.49 10.95
C ASN B 238 -2.35 -5.85 10.13
N LEU B 239 -2.14 -6.35 8.91
CA LEU B 239 -3.25 -6.61 7.98
C LEU B 239 -3.79 -8.03 8.17
N TYR B 240 -3.02 -9.05 7.78
CA TYR B 240 -3.53 -10.42 7.88
C TYR B 240 -3.55 -10.91 9.32
N GLY B 241 -2.63 -10.44 10.16
CA GLY B 241 -2.67 -10.84 11.56
C GLY B 241 -3.99 -10.50 12.22
N CYS B 242 -4.43 -9.25 12.04
CA CYS B 242 -5.73 -8.84 12.55
C CYS B 242 -6.88 -9.51 11.79
N ARG B 243 -6.71 -9.76 10.48
CA ARG B 243 -7.75 -10.47 9.74
C ARG B 243 -8.05 -11.83 10.39
N GLU B 244 -7.03 -12.52 10.90
CA GLU B 244 -7.27 -13.80 11.53
C GLU B 244 -7.60 -13.69 13.02
N SER B 245 -6.98 -12.78 13.77
CA SER B 245 -7.10 -12.86 15.22
C SER B 245 -8.21 -12.00 15.81
N LEU B 246 -8.82 -11.06 15.06
CA LEU B 246 -9.88 -10.24 15.66
C LEU B 246 -11.15 -11.05 15.90
N VAL B 247 -11.66 -11.70 14.86
CA VAL B 247 -12.86 -12.49 15.03
C VAL B 247 -12.58 -13.69 15.94
N ASP B 248 -11.35 -14.19 15.92
CA ASP B 248 -10.94 -15.21 16.90
C ASP B 248 -11.24 -14.74 18.32
N GLY B 249 -10.82 -13.52 18.64
CA GLY B 249 -11.09 -12.98 19.98
C GLY B 249 -12.57 -12.80 20.26
N ILE B 250 -13.31 -12.29 19.29
CA ILE B 250 -14.75 -12.12 19.45
C ILE B 250 -15.43 -13.48 19.68
N ARG B 251 -15.09 -14.50 18.88
CA ARG B 251 -15.73 -15.81 19.02
C ARG B 251 -15.50 -16.40 20.40
N ARG B 252 -14.26 -16.41 20.87
CA ARG B 252 -13.98 -16.99 22.18
C ARG B 252 -14.69 -16.25 23.29
N GLY B 253 -14.80 -14.93 23.16
CA GLY B 253 -15.42 -14.15 24.21
C GLY B 253 -16.92 -14.28 24.26
N THR B 254 -17.56 -14.40 23.09
CA THR B 254 -19.01 -14.26 23.01
C THR B 254 -19.72 -15.44 22.34
N ASP B 255 -19.03 -16.24 21.53
CA ASP B 255 -19.65 -17.33 20.79
C ASP B 255 -20.86 -16.87 19.99
N VAL B 256 -20.83 -15.61 19.53
CA VAL B 256 -21.97 -15.06 18.79
C VAL B 256 -21.92 -15.50 17.33
N MET B 257 -23.09 -15.66 16.71
CA MET B 257 -23.20 -15.80 15.26
C MET B 257 -22.80 -14.51 14.58
N LEU B 258 -21.83 -14.58 13.68
CA LEU B 258 -21.39 -13.37 12.99
C LEU B 258 -22.16 -13.12 11.70
N SER B 259 -22.50 -14.17 10.95
CA SER B 259 -23.32 -14.04 9.76
C SER B 259 -24.62 -13.31 10.06
N GLY B 260 -24.94 -12.30 9.26
CA GLY B 260 -26.18 -11.57 9.41
C GLY B 260 -26.13 -10.40 10.37
N LYS B 261 -25.04 -10.21 11.10
CA LYS B 261 -24.89 -9.09 12.01
C LYS B 261 -24.21 -7.92 11.32
N VAL B 262 -24.39 -6.73 11.89
CA VAL B 262 -23.75 -5.51 11.41
C VAL B 262 -22.62 -5.17 12.37
N ALA B 263 -21.43 -4.94 11.82
CA ALA B 263 -20.27 -4.57 12.61
C ALA B 263 -19.79 -3.18 12.19
N MET B 264 -19.23 -2.45 13.16
CA MET B 264 -18.66 -1.14 12.93
CA MET B 264 -18.66 -1.14 12.93
C MET B 264 -17.19 -1.15 13.33
N VAL B 265 -16.32 -0.76 12.39
CA VAL B 265 -14.89 -0.68 12.63
C VAL B 265 -14.50 0.77 12.51
N ALA B 266 -13.93 1.33 13.58
CA ALA B 266 -13.41 2.69 13.54
C ALA B 266 -11.97 2.66 13.07
N GLY B 267 -11.68 3.31 11.95
CA GLY B 267 -10.34 3.30 11.37
C GLY B 267 -10.17 2.35 10.20
N PHE B 268 -9.43 2.78 9.18
CA PHE B 268 -9.19 1.97 7.99
C PHE B 268 -7.74 2.13 7.55
N GLY B 269 -6.82 2.23 8.52
CA GLY B 269 -5.42 2.03 8.28
C GLY B 269 -5.16 0.53 8.19
N ASP B 270 -3.92 0.13 8.49
CA ASP B 270 -3.56 -1.28 8.32
C ASP B 270 -4.38 -2.19 9.24
N VAL B 271 -4.50 -1.81 10.50
CA VAL B 271 -5.24 -2.61 11.48
C VAL B 271 -6.73 -2.57 11.17
N GLY B 272 -7.26 -1.39 10.81
CA GLY B 272 -8.67 -1.29 10.49
C GLY B 272 -9.04 -2.02 9.22
N LYS B 273 -8.15 -2.01 8.23
CA LYS B 273 -8.36 -2.83 7.03
C LYS B 273 -8.45 -4.31 7.37
N GLY B 274 -7.48 -4.81 8.14
CA GLY B 274 -7.51 -6.20 8.54
C GLY B 274 -8.68 -6.53 9.42
N SER B 275 -9.08 -5.57 10.29
CA SER B 275 -10.21 -5.80 11.18
C SER B 275 -11.52 -5.88 10.42
N ALA B 276 -11.74 -4.93 9.50
CA ALA B 276 -12.93 -4.99 8.66
C ALA B 276 -12.97 -6.28 7.85
N ALA B 277 -11.82 -6.73 7.34
CA ALA B 277 -11.79 -7.97 6.58
C ALA B 277 -12.10 -9.17 7.47
N SER B 278 -11.61 -9.17 8.71
CA SER B 278 -11.93 -10.28 9.62
C SER B 278 -13.43 -10.44 9.79
N LEU B 279 -14.13 -9.32 10.03
CA LEU B 279 -15.56 -9.38 10.27
C LEU B 279 -16.33 -9.69 8.99
N ARG B 280 -15.95 -9.08 7.87
CA ARG B 280 -16.59 -9.39 6.59
C ARG B 280 -16.42 -10.87 6.22
N GLN B 281 -15.18 -11.38 6.29
CA GLN B 281 -14.97 -12.78 5.96
C GLN B 281 -15.75 -13.71 6.88
N ALA B 282 -16.02 -13.29 8.12
CA ALA B 282 -16.81 -14.10 9.04
C ALA B 282 -18.31 -14.01 8.79
N GLY B 283 -18.76 -13.12 7.91
CA GLY B 283 -20.17 -13.02 7.54
C GLY B 283 -20.86 -11.73 7.93
N CYS B 284 -20.19 -10.82 8.64
CA CYS B 284 -20.83 -9.57 9.02
C CYS B 284 -20.93 -8.64 7.83
N ARG B 285 -21.93 -7.76 7.90
CA ARG B 285 -21.99 -6.58 7.03
C ARG B 285 -21.27 -5.46 7.78
N VAL B 286 -20.20 -4.93 7.20
CA VAL B 286 -19.23 -4.12 7.93
C VAL B 286 -19.33 -2.68 7.48
N MET B 287 -19.49 -1.78 8.45
CA MET B 287 -19.37 -0.35 8.20
C MET B 287 -18.10 0.14 8.87
N VAL B 288 -17.60 1.28 8.39
CA VAL B 288 -16.30 1.81 8.80
C VAL B 288 -16.43 3.30 9.04
N SER B 289 -15.67 3.84 10.00
CA SER B 289 -15.45 5.28 10.09
C SER B 289 -14.00 5.62 9.73
N GLU B 290 -13.80 6.86 9.30
CA GLU B 290 -12.46 7.37 9.00
C GLU B 290 -12.46 8.88 9.05
N VAL B 291 -11.30 9.43 9.38
CA VAL B 291 -11.07 10.87 9.24
C VAL B 291 -10.22 11.16 8.02
N ASP B 292 -9.52 10.17 7.48
CA ASP B 292 -8.62 10.35 6.36
C ASP B 292 -9.42 10.13 5.07
N PRO B 293 -9.55 11.15 4.20
CA PRO B 293 -10.37 10.97 2.98
C PRO B 293 -9.84 9.90 2.05
N ILE B 294 -8.52 9.71 1.99
CA ILE B 294 -7.97 8.64 1.15
C ILE B 294 -8.36 7.27 1.70
N CYS B 295 -8.17 7.05 3.01
CA CYS B 295 -8.54 5.77 3.60
C CYS B 295 -10.05 5.52 3.52
N ALA B 296 -10.85 6.59 3.66
CA ALA B 296 -12.29 6.44 3.52
C ALA B 296 -12.68 6.04 2.10
N LEU B 297 -12.04 6.66 1.10
CA LEU B 297 -12.31 6.26 -0.29
C LEU B 297 -11.90 4.81 -0.53
N GLN B 298 -10.79 4.38 0.08
CA GLN B 298 -10.40 2.97 0.00
C GLN B 298 -11.50 2.09 0.57
N ALA B 299 -12.02 2.45 1.75
CA ALA B 299 -13.05 1.62 2.37
C ALA B 299 -14.31 1.58 1.50
N ALA B 300 -14.70 2.72 0.93
CA ALA B 300 -15.90 2.75 0.09
C ALA B 300 -15.71 1.96 -1.19
N MET B 301 -14.52 2.02 -1.79
CA MET B 301 -14.27 1.27 -3.01
C MET B 301 -14.19 -0.23 -2.75
N GLU B 302 -13.86 -0.64 -1.52
CA GLU B 302 -13.93 -2.04 -1.15
C GLU B 302 -15.33 -2.50 -0.79
N GLY B 303 -16.32 -1.62 -0.84
CA GLY B 303 -17.68 -2.00 -0.55
C GLY B 303 -18.10 -1.86 0.89
N TYR B 304 -17.30 -1.18 1.71
CA TYR B 304 -17.71 -0.84 3.06
C TYR B 304 -18.50 0.47 3.06
N GLU B 305 -19.61 0.49 3.78
CA GLU B 305 -20.32 1.75 4.06
C GLU B 305 -19.55 2.57 5.10
N VAL B 306 -19.26 3.83 4.78
CA VAL B 306 -18.45 4.68 5.65
C VAL B 306 -19.36 5.68 6.34
N VAL B 307 -19.46 5.55 7.66
CA VAL B 307 -20.42 6.30 8.47
C VAL B 307 -19.72 6.86 9.70
N THR B 308 -20.43 7.74 10.41
CA THR B 308 -19.94 8.23 11.69
C THR B 308 -20.29 7.25 12.81
N MET B 309 -19.55 7.35 13.91
CA MET B 309 -19.87 6.53 15.07
C MET B 309 -21.24 6.92 15.63
N GLU B 310 -21.65 8.19 15.44
CA GLU B 310 -22.99 8.58 15.84
C GLU B 310 -24.04 7.84 15.03
N ASP B 311 -23.78 7.71 13.76
CA ASP B 311 -24.66 7.00 12.89
C ASP B 311 -24.70 5.50 13.24
N ALA B 312 -23.57 4.89 13.57
CA ALA B 312 -23.46 3.45 13.83
C ALA B 312 -23.99 3.06 15.19
N ALA B 313 -23.89 3.95 16.18
CA ALA B 313 -24.15 3.57 17.56
C ALA B 313 -25.51 2.90 17.78
N PRO B 314 -26.62 3.43 17.26
CA PRO B 314 -27.91 2.73 17.46
C PRO B 314 -28.04 1.45 16.66
N ARG B 315 -27.21 1.23 15.64
CA ARG B 315 -27.49 0.21 14.62
C ARG B 315 -26.62 -1.04 14.73
N ALA B 316 -25.34 -0.90 15.02
CA ALA B 316 -24.42 -2.02 14.87
C ALA B 316 -24.53 -2.99 16.03
N ASP B 317 -24.28 -4.28 15.73
CA ASP B 317 -24.28 -5.35 16.71
C ASP B 317 -22.93 -5.50 17.39
N ILE B 318 -21.85 -5.08 16.70
CA ILE B 318 -20.48 -5.24 17.14
C ILE B 318 -19.71 -3.97 16.78
N PHE B 319 -18.88 -3.48 17.70
CA PHE B 319 -18.01 -2.32 17.49
C PHE B 319 -16.57 -2.68 17.82
N VAL B 320 -15.65 -2.26 16.93
CA VAL B 320 -14.21 -2.48 17.06
C VAL B 320 -13.51 -1.14 16.80
N THR B 321 -12.77 -0.64 17.78
CA THR B 321 -11.92 0.53 17.56
C THR B 321 -10.53 0.08 17.10
N ALA B 322 -10.03 0.71 16.04
CA ALA B 322 -8.79 0.31 15.38
C ALA B 322 -8.01 1.52 14.93
N THR B 323 -8.02 2.60 15.70
CA THR B 323 -7.50 3.88 15.24
C THR B 323 -6.15 4.27 15.82
N GLY B 324 -5.80 3.78 17.01
CA GLY B 324 -4.65 4.33 17.69
C GLY B 324 -4.86 5.72 18.22
N ASN B 325 -6.08 6.23 18.14
CA ASN B 325 -6.48 7.52 18.65
C ASN B 325 -7.22 7.30 19.97
N LYS B 326 -7.83 8.35 20.52
CA LYS B 326 -8.55 8.22 21.78
C LYS B 326 -9.96 8.74 21.64
N ASP B 327 -10.83 8.31 22.56
CA ASP B 327 -12.21 8.81 22.66
C ASP B 327 -12.97 8.54 21.36
N ILE B 328 -12.86 7.31 20.87
CA ILE B 328 -13.55 6.92 19.64
C ILE B 328 -14.96 6.48 19.95
N ILE B 329 -15.12 5.62 20.95
CA ILE B 329 -16.43 5.19 21.43
C ILE B 329 -16.62 5.83 22.81
N THR B 330 -17.55 6.76 22.90
CA THR B 330 -17.72 7.57 24.10
C THR B 330 -18.91 7.04 24.88
N ILE B 331 -19.16 7.66 26.04
CA ILE B 331 -20.30 7.25 26.86
C ILE B 331 -21.61 7.58 26.14
N GLU B 332 -21.65 8.66 25.35
CA GLU B 332 -22.87 8.96 24.60
C GLU B 332 -23.13 7.93 23.52
N HIS B 333 -22.09 7.38 22.91
CA HIS B 333 -22.29 6.29 21.95
C HIS B 333 -22.85 5.07 22.64
N MET B 334 -22.31 4.72 23.81
CA MET B 334 -22.73 3.49 24.48
C MET B 334 -24.14 3.61 25.05
N ARG B 335 -24.57 4.84 25.39
CA ARG B 335 -25.95 5.03 25.81
C ARG B 335 -26.93 4.76 24.69
N ALA B 336 -26.51 4.98 23.44
CA ALA B 336 -27.35 4.80 22.27
C ALA B 336 -27.35 3.38 21.73
N MET B 337 -26.44 2.53 22.18
CA MET B 337 -26.31 1.21 21.58
CA MET B 337 -26.29 1.19 21.60
C MET B 337 -27.48 0.31 21.93
N LYS B 338 -27.80 -0.61 21.01
CA LYS B 338 -28.84 -1.59 21.25
C LYS B 338 -28.43 -2.52 22.40
N ASP B 339 -29.43 -3.13 23.03
CA ASP B 339 -29.17 -4.04 24.15
C ASP B 339 -28.25 -5.17 23.71
N ARG B 340 -27.15 -5.33 24.44
CA ARG B 340 -26.18 -6.42 24.29
C ARG B 340 -25.34 -6.29 23.02
N ALA B 341 -25.18 -5.09 22.50
CA ALA B 341 -24.14 -4.83 21.51
C ALA B 341 -22.77 -5.17 22.11
N ILE B 342 -21.89 -5.69 21.26
CA ILE B 342 -20.53 -6.09 21.65
C ILE B 342 -19.57 -4.94 21.34
N VAL B 343 -18.66 -4.66 22.26
CA VAL B 343 -17.71 -3.56 22.10
C VAL B 343 -16.31 -4.07 22.42
N CYS B 344 -15.34 -3.82 21.53
CA CYS B 344 -13.97 -4.16 21.84
C CYS B 344 -13.03 -3.19 21.13
N ASN B 345 -11.75 -3.36 21.41
CA ASN B 345 -10.65 -2.51 20.98
C ASN B 345 -9.49 -3.38 20.52
N ILE B 346 -8.94 -3.05 19.36
CA ILE B 346 -7.77 -3.75 18.84
C ILE B 346 -6.61 -2.81 18.58
N GLY B 347 -6.74 -1.51 18.90
CA GLY B 347 -5.61 -0.62 18.94
C GLY B 347 -4.74 -0.91 20.15
N HIS B 348 -3.60 -0.23 20.22
CA HIS B 348 -2.62 -0.59 21.25
C HIS B 348 -3.07 -0.22 22.66
N PHE B 349 -3.77 0.89 22.83
CA PHE B 349 -4.13 1.38 24.15
C PHE B 349 -5.64 1.38 24.34
N ASP B 350 -6.07 1.22 25.60
CA ASP B 350 -7.47 1.05 25.95
C ASP B 350 -8.30 2.34 25.93
N ASN B 351 -7.66 3.50 25.82
CA ASN B 351 -8.41 4.75 25.86
C ASN B 351 -9.13 5.08 24.55
N GLU B 352 -9.09 4.20 23.55
CA GLU B 352 -9.96 4.35 22.40
C GLU B 352 -11.43 4.28 22.79
N ILE B 353 -11.76 3.49 23.81
CA ILE B 353 -13.10 3.43 24.40
C ILE B 353 -13.06 4.11 25.76
N GLN B 354 -14.11 4.84 26.10
CA GLN B 354 -14.20 5.54 27.39
C GLN B 354 -14.55 4.56 28.50
N ILE B 355 -13.57 3.70 28.83
CA ILE B 355 -13.83 2.66 29.83
C ILE B 355 -14.05 3.27 31.21
N ALA B 356 -13.36 4.37 31.54
CA ALA B 356 -13.50 4.96 32.88
C ALA B 356 -14.86 5.61 33.06
N SER B 357 -15.48 6.09 31.99
CA SER B 357 -16.83 6.63 32.09
C SER B 357 -17.88 5.58 32.44
N LEU B 358 -17.53 4.30 32.37
CA LEU B 358 -18.46 3.23 32.68
C LEU B 358 -18.41 2.75 34.13
N ARG B 359 -17.47 3.25 34.95
CA ARG B 359 -17.13 2.55 36.17
C ARG B 359 -18.15 2.70 37.29
N ASN B 360 -19.03 3.69 37.23
CA ASN B 360 -20.11 3.76 38.20
C ASN B 360 -21.33 2.94 37.80
N LEU B 361 -21.26 2.27 36.66
CA LEU B 361 -22.30 1.36 36.21
C LEU B 361 -22.10 -0.02 36.83
N LYS B 362 -23.16 -0.81 36.85
CA LYS B 362 -23.06 -2.20 37.29
C LYS B 362 -22.35 -3.03 36.23
N TRP B 363 -21.22 -3.61 36.60
CA TRP B 363 -20.52 -4.59 35.77
C TRP B 363 -20.81 -5.98 36.32
N THR B 364 -21.26 -6.88 35.46
CA THR B 364 -21.38 -8.29 35.80
C THR B 364 -20.36 -9.07 34.99
N ASN B 365 -19.42 -9.72 35.66
CA ASN B 365 -18.41 -10.49 34.95
C ASN B 365 -19.00 -11.79 34.44
N ILE B 366 -18.74 -12.09 33.17
CA ILE B 366 -19.21 -13.33 32.57
C ILE B 366 -18.15 -14.41 32.65
N LYS B 367 -16.94 -14.09 32.24
CA LYS B 367 -15.79 -14.99 32.31
C LYS B 367 -14.56 -14.08 32.16
N PRO B 368 -13.34 -14.59 32.22
CA PRO B 368 -12.19 -13.68 32.11
C PRO B 368 -12.25 -12.88 30.81
N GLN B 369 -12.05 -11.57 30.94
CA GLN B 369 -12.00 -10.63 29.84
C GLN B 369 -13.33 -10.49 29.10
N VAL B 370 -14.44 -10.81 29.76
CA VAL B 370 -15.78 -10.60 29.21
C VAL B 370 -16.69 -10.09 30.33
N ASP B 371 -17.26 -8.90 30.14
CA ASP B 371 -18.15 -8.32 31.14
C ASP B 371 -19.41 -7.74 30.50
N GLU B 372 -20.51 -7.82 31.24
CA GLU B 372 -21.77 -7.21 30.83
C GLU B 372 -22.01 -5.96 31.69
N ILE B 373 -22.37 -4.86 31.04
CA ILE B 373 -22.50 -3.56 31.69
C ILE B 373 -23.91 -3.05 31.44
N GLU B 374 -24.62 -2.72 32.52
CA GLU B 374 -26.02 -2.32 32.45
C GLU B 374 -26.14 -0.82 32.60
N PHE B 375 -27.00 -0.21 31.80
CA PHE B 375 -27.22 1.22 31.78
C PHE B 375 -28.48 1.59 32.54
N PRO B 376 -28.66 2.88 32.87
CA PRO B 376 -29.87 3.25 33.64
C PRO B 376 -31.18 2.89 32.97
N ASP B 377 -31.29 2.94 31.64
CA ASP B 377 -32.57 2.63 31.00
C ASP B 377 -32.73 1.14 30.71
N LYS B 378 -31.88 0.29 31.31
CA LYS B 378 -31.89 -1.18 31.35
C LYS B 378 -31.09 -1.83 30.22
N HIS B 379 -30.71 -1.10 29.17
CA HIS B 379 -29.98 -1.78 28.12
C HIS B 379 -28.56 -2.11 28.58
N ARG B 380 -28.00 -3.16 28.00
CA ARG B 380 -26.67 -3.64 28.38
C ARG B 380 -25.74 -3.65 27.17
N ILE B 381 -24.44 -3.71 27.47
CA ILE B 381 -23.42 -3.96 26.46
C ILE B 381 -22.45 -5.00 26.98
N ILE B 382 -21.82 -5.70 26.03
CA ILE B 382 -20.83 -6.74 26.30
C ILE B 382 -19.46 -6.18 25.98
N MET B 383 -18.62 -5.98 27.01
CA MET B 383 -17.29 -5.40 26.84
C MET B 383 -16.25 -6.51 26.88
N LEU B 384 -15.31 -6.48 25.93
CA LEU B 384 -14.27 -7.49 25.84
C LEU B 384 -12.95 -6.92 26.37
N SER B 385 -12.31 -7.66 27.28
CA SER B 385 -10.97 -7.34 27.76
C SER B 385 -10.90 -5.96 28.40
N GLU B 386 -12.03 -5.46 28.92
CA GLU B 386 -12.08 -4.11 29.53
C GLU B 386 -11.48 -3.06 28.61
N GLY B 387 -11.65 -3.22 27.29
CA GLY B 387 -11.15 -2.26 26.33
C GLY B 387 -9.70 -2.43 25.93
N ARG B 388 -9.02 -3.46 26.41
CA ARG B 388 -7.65 -3.75 26.00
C ARG B 388 -7.65 -4.55 24.71
N LEU B 389 -6.45 -4.77 24.15
CA LEU B 389 -6.31 -5.46 22.86
C LEU B 389 -7.07 -6.77 22.84
N VAL B 390 -8.14 -6.82 22.04
CA VAL B 390 -9.08 -7.94 22.11
C VAL B 390 -8.45 -9.21 21.54
N ASN B 391 -7.61 -9.10 20.50
CA ASN B 391 -7.06 -10.31 19.91
C ASN B 391 -6.11 -11.01 20.88
N LEU B 392 -5.36 -10.25 21.66
CA LEU B 392 -4.47 -10.82 22.67
C LEU B 392 -5.17 -11.10 24.00
N GLY B 393 -6.15 -10.28 24.38
CA GLY B 393 -6.84 -10.47 25.65
C GLY B 393 -7.84 -11.61 25.62
N ASN B 394 -8.58 -11.74 24.53
CA ASN B 394 -9.63 -12.76 24.46
C ASN B 394 -9.25 -13.98 23.62
N ALA B 395 -8.22 -13.89 22.78
CA ALA B 395 -7.74 -15.10 22.11
C ALA B 395 -6.24 -15.22 22.29
N MET B 396 -5.49 -15.45 21.21
CA MET B 396 -4.07 -15.77 21.37
C MET B 396 -3.18 -14.88 20.51
N GLY B 397 -3.65 -13.69 20.13
CA GLY B 397 -2.87 -12.82 19.27
C GLY B 397 -2.83 -13.37 17.84
N HIS B 398 -1.92 -12.78 17.04
CA HIS B 398 -1.73 -13.22 15.67
C HIS B 398 -1.15 -14.65 15.65
N PRO B 399 -1.51 -15.45 14.66
CA PRO B 399 -0.90 -16.78 14.52
C PRO B 399 0.59 -16.68 14.23
N SER B 400 1.28 -17.79 14.54
CA SER B 400 2.74 -17.82 14.50
C SER B 400 3.33 -17.37 13.17
N PHE B 401 2.81 -17.90 12.05
CA PHE B 401 3.46 -17.67 10.76
C PHE B 401 3.66 -16.19 10.48
N VAL B 402 2.61 -15.38 10.63
CA VAL B 402 2.77 -13.98 10.31
C VAL B 402 3.64 -13.29 11.36
N MET B 403 3.56 -13.71 12.62
CA MET B 403 4.46 -13.18 13.65
C MET B 403 5.92 -13.48 13.32
N SER B 404 6.17 -14.56 12.59
CA SER B 404 7.54 -14.90 12.20
C SER B 404 8.14 -13.81 11.33
N ALA B 405 7.32 -13.23 10.45
CA ALA B 405 7.79 -12.13 9.62
C ALA B 405 8.17 -10.93 10.48
N SER B 406 7.28 -10.53 11.40
CA SER B 406 7.55 -9.39 12.27
C SER B 406 8.79 -9.62 13.11
N PHE B 407 8.94 -10.82 13.68
CA PHE B 407 10.01 -11.08 14.63
C PHE B 407 11.35 -11.34 13.94
N THR B 408 11.33 -11.75 12.66
CA THR B 408 12.56 -11.81 11.91
C THR B 408 13.10 -10.40 11.65
N ASN B 409 12.21 -9.47 11.29
CA ASN B 409 12.56 -8.05 11.26
C ASN B 409 13.15 -7.63 12.60
N GLN B 410 12.48 -7.97 13.69
CA GLN B 410 12.96 -7.60 15.03
C GLN B 410 14.37 -8.11 15.28
N THR B 411 14.64 -9.36 14.91
CA THR B 411 15.96 -9.92 15.15
C THR B 411 17.00 -9.22 14.30
N LEU B 412 16.68 -8.95 13.03
CA LEU B 412 17.59 -8.23 12.16
C LEU B 412 17.86 -6.82 12.70
N ALA B 413 16.82 -6.16 13.23
CA ALA B 413 17.01 -4.85 13.81
C ALA B 413 17.95 -4.91 15.01
N GLN B 414 17.79 -5.93 15.85
CA GLN B 414 18.68 -6.09 17.00
C GLN B 414 20.13 -6.27 16.54
N ILE B 415 20.33 -7.03 15.46
CA ILE B 415 21.67 -7.28 14.95
C ILE B 415 22.28 -5.99 14.41
N GLU B 416 21.51 -5.21 13.64
CA GLU B 416 22.03 -3.96 13.09
C GLU B 416 22.47 -3.00 14.19
N LEU B 417 21.61 -2.79 15.18
CA LEU B 417 21.92 -1.82 16.24
C LEU B 417 23.06 -2.32 17.11
N PHE B 418 23.04 -3.59 17.47
CA PHE B 418 24.03 -4.08 18.42
C PHE B 418 25.38 -4.35 17.77
N ALA B 419 25.37 -4.92 16.56
CA ALA B 419 26.60 -5.41 15.93
C ALA B 419 27.09 -4.56 14.77
N ASN B 420 26.18 -3.91 14.02
CA ASN B 420 26.54 -3.20 12.80
C ASN B 420 26.44 -1.69 12.98
N ASN B 421 26.85 -1.17 14.13
CA ASN B 421 26.91 0.27 14.35
C ASN B 421 28.31 0.72 14.78
N LYS B 422 29.35 0.00 14.33
CA LYS B 422 30.72 0.39 14.66
C LYS B 422 31.05 1.77 14.10
N ASP B 423 30.58 2.07 12.90
CA ASP B 423 30.82 3.34 12.24
C ASP B 423 29.79 4.41 12.59
N SER B 424 28.94 4.15 13.59
CA SER B 424 27.92 5.11 14.02
C SER B 424 26.97 5.49 12.90
N LYS B 425 26.73 4.57 11.96
CA LYS B 425 25.78 4.84 10.90
C LYS B 425 24.38 5.12 11.44
N TYR B 426 24.09 4.67 12.66
CA TYR B 426 22.82 4.98 13.32
C TYR B 426 23.08 6.03 14.39
N ALA B 427 22.57 7.24 14.16
CA ALA B 427 22.61 8.29 15.15
C ALA B 427 21.37 8.19 16.04
N LYS B 428 21.14 9.19 16.89
CA LYS B 428 19.95 9.17 17.75
C LYS B 428 18.74 9.71 16.98
N LYS B 429 18.40 8.96 15.91
CA LYS B 429 17.25 9.18 15.05
C LYS B 429 16.50 7.85 14.90
N VAL B 430 15.39 7.87 14.16
CA VAL B 430 14.58 6.68 13.91
C VAL B 430 14.86 6.20 12.49
N TYR B 431 15.21 4.92 12.35
CA TYR B 431 15.53 4.33 11.06
C TYR B 431 14.58 3.18 10.74
N VAL B 432 14.56 2.78 9.47
CA VAL B 432 13.90 1.54 9.05
C VAL B 432 14.94 0.64 8.42
N LEU B 433 14.62 -0.65 8.35
CA LEU B 433 15.52 -1.60 7.70
C LEU B 433 15.57 -1.33 6.20
N PRO B 434 16.72 -1.58 5.57
CA PRO B 434 16.81 -1.40 4.12
C PRO B 434 15.93 -2.41 3.39
N LYS B 435 15.55 -2.07 2.15
CA LYS B 435 14.67 -2.95 1.38
C LYS B 435 15.30 -4.31 1.14
N THR B 436 16.64 -4.38 1.03
CA THR B 436 17.29 -5.68 0.86
C THR B 436 16.93 -6.64 2.00
N LEU B 437 16.92 -6.13 3.24
CA LEU B 437 16.57 -6.97 4.39
C LEU B 437 15.07 -7.22 4.45
N ASP B 438 14.27 -6.22 4.11
CA ASP B 438 12.83 -6.40 4.02
C ASP B 438 12.51 -7.52 3.02
N GLU B 439 13.13 -7.48 1.84
CA GLU B 439 12.90 -8.54 0.87
C GLU B 439 13.45 -9.88 1.37
N LYS B 440 14.57 -9.85 2.09
CA LYS B 440 15.15 -11.09 2.63
C LYS B 440 14.20 -11.76 3.61
N VAL B 441 13.51 -10.97 4.44
CA VAL B 441 12.49 -11.53 5.34
C VAL B 441 11.45 -12.31 4.55
N ALA B 442 10.93 -11.69 3.48
CA ALA B 442 9.90 -12.36 2.67
C ALA B 442 10.43 -13.66 2.09
N ARG B 443 11.66 -13.63 1.55
CA ARG B 443 12.27 -14.82 0.96
C ARG B 443 12.27 -15.99 1.93
N LEU B 444 12.52 -15.73 3.22
CA LEU B 444 12.64 -16.81 4.18
C LEU B 444 11.31 -17.49 4.46
N HIS B 445 10.19 -16.92 4.03
CA HIS B 445 8.88 -17.48 4.30
C HIS B 445 8.24 -18.12 3.08
N LEU B 446 8.93 -18.15 1.94
CA LEU B 446 8.32 -18.60 0.69
C LEU B 446 8.19 -20.12 0.62
N ALA B 447 9.17 -20.85 1.13
CA ALA B 447 9.16 -22.31 1.03
C ALA B 447 8.02 -22.92 1.83
N LYS B 448 7.82 -22.43 3.06
CA LYS B 448 6.79 -23.00 3.93
C LYS B 448 5.41 -22.87 3.32
N ILE B 449 5.14 -21.74 2.61
CA ILE B 449 3.85 -21.56 1.97
C ILE B 449 3.81 -22.08 0.54
N GLY B 450 4.92 -22.58 0.01
CA GLY B 450 4.91 -23.16 -1.32
C GLY B 450 4.95 -22.20 -2.48
N VAL B 451 5.57 -21.04 -2.30
CA VAL B 451 5.76 -20.08 -3.38
C VAL B 451 6.90 -20.54 -4.27
N LYS B 452 6.69 -20.45 -5.58
CA LYS B 452 7.75 -20.65 -6.56
C LYS B 452 8.06 -19.30 -7.17
N LEU B 453 9.18 -18.71 -6.76
CA LEU B 453 9.56 -17.38 -7.22
C LEU B 453 10.19 -17.44 -8.61
N THR B 454 9.73 -16.58 -9.51
CA THR B 454 10.33 -16.46 -10.83
C THR B 454 11.67 -15.72 -10.74
N GLU B 455 12.65 -16.15 -11.54
CA GLU B 455 13.96 -15.50 -11.63
C GLU B 455 14.03 -14.65 -12.90
N LEU B 456 14.38 -13.38 -12.74
CA LEU B 456 14.58 -12.51 -13.90
C LEU B 456 15.79 -12.95 -14.70
N ARG B 457 15.66 -12.92 -16.02
CA ARG B 457 16.85 -12.95 -16.86
C ARG B 457 17.52 -11.59 -16.81
N LYS B 458 18.77 -11.54 -17.23
CA LYS B 458 19.53 -10.31 -17.09
C LYS B 458 18.92 -9.19 -17.95
N ASP B 459 18.52 -9.52 -19.18
CA ASP B 459 17.89 -8.50 -20.02
C ASP B 459 16.55 -8.06 -19.47
N GLN B 460 15.81 -8.95 -18.81
CA GLN B 460 14.57 -8.53 -18.16
C GLN B 460 14.85 -7.62 -16.97
N ALA B 461 15.91 -7.91 -16.22
CA ALA B 461 16.25 -7.07 -15.07
C ALA B 461 16.67 -5.68 -15.53
N ASP B 462 17.56 -5.62 -16.54
CA ASP B 462 17.92 -4.34 -17.15
C ASP B 462 16.67 -3.61 -17.64
N TYR B 463 15.77 -4.34 -18.29
CA TYR B 463 14.59 -3.71 -18.89
C TYR B 463 13.81 -2.88 -17.89
N ILE B 464 13.56 -3.41 -16.70
CA ILE B 464 12.83 -2.67 -15.67
C ILE B 464 13.75 -1.98 -14.69
N GLY B 465 15.06 -2.02 -14.91
CA GLY B 465 16.01 -1.24 -14.12
C GLY B 465 16.27 -1.74 -12.71
N VAL B 466 16.37 -3.05 -12.51
CA VAL B 466 16.72 -3.62 -11.22
C VAL B 466 17.82 -4.64 -11.46
N LYS B 467 18.53 -4.99 -10.38
CA LYS B 467 19.40 -6.15 -10.42
C LYS B 467 18.58 -7.43 -10.28
N GLN B 468 19.12 -8.51 -10.83
CA GLN B 468 18.44 -9.80 -10.77
C GLN B 468 18.12 -10.19 -9.33
N GLU B 469 19.01 -9.85 -8.39
CA GLU B 469 18.83 -10.27 -7.00
C GLU B 469 18.05 -9.27 -6.16
N GLY B 470 17.55 -8.19 -6.74
CA GLY B 470 16.86 -7.18 -5.98
C GLY B 470 17.82 -6.13 -5.44
N PRO B 471 17.29 -5.06 -4.82
CA PRO B 471 15.86 -4.82 -4.54
C PRO B 471 15.03 -4.58 -5.79
N TYR B 472 13.73 -4.86 -5.73
CA TYR B 472 12.91 -4.82 -6.94
C TYR B 472 12.09 -3.55 -7.07
N LYS B 473 11.98 -2.76 -6.00
CA LYS B 473 11.11 -1.59 -5.98
C LYS B 473 11.86 -0.37 -5.51
N SER B 474 11.39 0.80 -5.93
CA SER B 474 11.86 2.05 -5.37
C SER B 474 11.55 2.12 -3.88
N ASP B 475 12.32 2.92 -3.15
CA ASP B 475 12.04 3.08 -1.72
C ASP B 475 10.67 3.69 -1.46
N HIS B 476 10.09 4.37 -2.45
CA HIS B 476 8.78 5.00 -2.35
C HIS B 476 7.62 4.07 -2.70
N TYR B 477 7.90 2.83 -3.11
CA TYR B 477 6.85 1.90 -3.52
C TYR B 477 5.98 1.49 -2.33
N ARG B 478 4.67 1.41 -2.57
CA ARG B 478 3.68 1.21 -1.50
C ARG B 478 3.16 -0.22 -1.40
N TYR B 479 3.39 -1.08 -2.40
CA TYR B 479 2.90 -2.46 -2.37
C TYR B 479 1.38 -2.50 -2.19
#